data_4Z64
#
_entry.id   4Z64
#
_cell.length_a   152.539
_cell.length_b   220.888
_cell.length_c   105.381
_cell.angle_alpha   90.00
_cell.angle_beta   90.00
_cell.angle_gamma   90.00
#
_symmetry.space_group_name_H-M   'C 2 2 21'
#
loop_
_entity.id
_entity.type
_entity.pdbx_description
1 polymer 'Phytosulfokine receptor 1'
2 polymer 'Somatic embryogenesis receptor kinase 1'
3 polymer Phytosulfokine
4 branched 2-acetamido-2-deoxy-beta-D-glucopyranose-(1-4)-2-acetamido-2-deoxy-beta-D-glucopyranose
5 non-polymer 2-acetamido-2-deoxy-beta-D-glucopyranose
6 non-polymer 'SULFATE ION'
#
loop_
_entity_poly.entity_id
_entity_poly.type
_entity_poly.pdbx_seq_one_letter_code
_entity_poly.pdbx_strand_id
1 'polypeptide(L)'
;ESQTTSRCHPHDLEALRDFIAHLEPKPDGWINSSSSTDCCNWTGITCNSNNTGRVIRLELGNKKLSGKLSESLGKLDEIR
VLNLSRNFIKDSIPLSIFNLKNLQTLDLSSNDLSGGIPTSINLPALQSFDLSSNKFNGSLPSHICHNSTQIRVVKLAVNY
FAGNFTSGFGKCVLLEHLCLGMNDLTGNIPEDLFHLKRLNLLGIQENRLSGSLSREIRNLSSLVRLDVSWNLFSGEIPDV
FDELPQLKFFLGQTNGFIGGIPKSLANSPSLNLLNLRNNSLSGRLMLNCTAMIALNSLDLGTNRFNGRLPENLPDCKRLK
NVNLARNTFHGQVPESFKNFESLSYFSLSNSSLANISSALGILQHCKNLTTLVLTLNFHGEALPDDSSLHFEKLKVLVVA
NCRLTGSMPRWLSSSNELQLLDLSWNRLTGAIPSWIGDFKALFYLDLSNNSFTGEIPKSLTKLESLTSRNISVNEPSPDF
PFFMKRNESARALQYNQIFGFPPTIELGHNNLSGPIWEEFGNLKKLHVFDLKWNALSGSIPSSLSGMTSLEALDLSNNRL
SGSIPVSLQQLSFLSKFSVAYNNLSGVIPSGGQFQTFPNSSFESNHLCGEHRFPCSEGTESALIKHHHHHH
;
A
2 'polypeptide(L)'
;MESSYVVFILLSLILLPNHSLWLASANLEGDALHTLRVTLVDPNNVLQSWDPTLVNPCTWFHVTCNNENSVIRVDLGNAE
LSGHLVPELGVLKNLQYLELYSNNITGPIPSNLGDLTNLVSLDLYLNSFSGPIPESLGKLSKLRFLRLNNNSLTGSIPMS
LTQITTLQVLDLSNNRLSGSVPDNGSFSLFTPISFANNLDLCGPVTSHPCPGSHHHHHH
;
C
3 'polypeptide(L)' (TYS)I(TYS)TQ P
#
loop_
_chem_comp.id
_chem_comp.type
_chem_comp.name
_chem_comp.formula
NAG D-saccharide, beta linking 2-acetamido-2-deoxy-beta-D-glucopyranose 'C8 H15 N O6'
SO4 non-polymer 'SULFATE ION' 'O4 S -2'
#
# COMPACT_ATOMS: atom_id res chain seq x y z
N ARG A 7 35.40 -9.49 -31.13
CA ARG A 7 35.36 -10.91 -30.77
C ARG A 7 35.89 -11.12 -29.36
N CYS A 8 35.03 -11.63 -28.47
CA CYS A 8 35.43 -11.87 -27.09
C CYS A 8 36.09 -13.24 -26.94
N HIS A 9 36.72 -13.46 -25.79
CA HIS A 9 37.47 -14.69 -25.54
C HIS A 9 36.51 -15.87 -25.56
N PRO A 10 36.92 -16.97 -26.19
CA PRO A 10 36.01 -18.12 -26.29
C PRO A 10 35.58 -18.70 -24.93
N HIS A 11 36.35 -18.43 -23.87
CA HIS A 11 36.02 -18.95 -22.55
C HIS A 11 34.90 -18.12 -21.89
N ASP A 12 34.95 -16.81 -22.09
CA ASP A 12 33.90 -15.92 -21.62
C ASP A 12 32.66 -16.03 -22.48
N LEU A 13 32.87 -16.15 -23.80
CA LEU A 13 31.79 -16.36 -24.75
C LEU A 13 30.93 -17.56 -24.38
N GLU A 14 31.57 -18.63 -23.91
CA GLU A 14 30.86 -19.82 -23.48
C GLU A 14 30.12 -19.60 -22.16
N ALA A 15 30.76 -18.93 -21.21
CA ALA A 15 30.17 -18.71 -19.89
C ALA A 15 28.88 -17.89 -20.00
N LEU A 16 28.93 -16.85 -20.83
CA LEU A 16 27.78 -16.01 -21.11
C LEU A 16 26.60 -16.79 -21.68
N ARG A 17 26.91 -17.75 -22.56
CA ARG A 17 25.88 -18.57 -23.20
C ARG A 17 25.20 -19.55 -22.25
N ASP A 18 25.93 -20.16 -21.34
CA ASP A 18 25.30 -20.99 -20.32
C ASP A 18 24.44 -20.13 -19.37
N PHE A 19 24.95 -18.95 -19.06
CA PHE A 19 24.28 -18.04 -18.14
C PHE A 19 22.89 -17.63 -18.63
N ILE A 20 22.79 -17.31 -19.91
CA ILE A 20 21.56 -16.81 -20.50
C ILE A 20 20.66 -17.93 -20.95
N ALA A 21 21.20 -19.16 -20.99
CA ALA A 21 20.44 -20.32 -21.42
C ALA A 21 19.40 -20.69 -20.36
N HIS A 22 19.65 -20.27 -19.13
CA HIS A 22 18.76 -20.58 -18.02
C HIS A 22 17.87 -19.38 -17.66
N LEU A 23 17.87 -18.38 -18.53
CA LEU A 23 17.18 -17.12 -18.26
C LEU A 23 16.38 -16.63 -19.46
N GLU A 24 15.14 -16.23 -19.20
CA GLU A 24 14.26 -15.68 -20.24
C GLU A 24 13.59 -14.40 -19.69
N PRO A 25 13.36 -13.43 -20.58
CA PRO A 25 13.67 -13.46 -22.01
C PRO A 25 15.04 -12.85 -22.31
N LYS A 26 15.62 -13.26 -23.44
CA LYS A 26 16.87 -12.66 -23.88
C LYS A 26 16.65 -11.18 -24.16
N PRO A 27 17.56 -10.32 -23.67
CA PRO A 27 17.48 -8.88 -23.96
C PRO A 27 17.69 -8.51 -25.42
N ASP A 28 18.27 -7.33 -25.63
CA ASP A 28 18.17 -6.60 -26.89
C ASP A 28 18.50 -7.38 -28.20
N GLY A 29 19.74 -7.82 -28.41
CA GLY A 29 20.83 -7.77 -27.46
C GLY A 29 21.51 -9.11 -27.48
N TRP A 30 20.79 -10.13 -27.02
CA TRP A 30 21.34 -11.46 -26.89
C TRP A 30 20.67 -12.47 -27.81
N ILE A 31 19.72 -12.00 -28.63
CA ILE A 31 19.01 -12.91 -29.56
C ILE A 31 19.97 -13.73 -30.42
N ASN A 32 21.09 -13.13 -30.82
CA ASN A 32 22.06 -13.82 -31.66
C ASN A 32 23.21 -14.47 -30.87
N SER A 33 23.00 -14.72 -29.58
CA SER A 33 24.07 -15.21 -28.71
C SER A 33 24.60 -16.57 -29.12
N SER A 34 23.72 -17.39 -29.69
CA SER A 34 24.10 -18.72 -30.15
C SER A 34 25.10 -18.64 -31.30
N SER A 35 24.97 -17.60 -32.12
CA SER A 35 25.68 -17.51 -33.39
C SER A 35 26.50 -16.22 -33.55
N SER A 36 26.97 -15.67 -32.43
CA SER A 36 27.78 -14.45 -32.45
C SER A 36 29.01 -14.62 -31.56
N THR A 37 30.03 -13.81 -31.80
CA THR A 37 31.22 -13.80 -30.94
C THR A 37 31.41 -12.39 -30.39
N ASP A 38 30.44 -11.54 -30.71
CA ASP A 38 30.50 -10.12 -30.43
C ASP A 38 29.93 -9.80 -29.04
N CYS A 39 30.40 -10.51 -28.01
CA CYS A 39 29.77 -10.42 -26.69
C CYS A 39 29.91 -9.03 -26.06
N CYS A 40 31.02 -8.37 -26.37
CA CYS A 40 31.36 -7.07 -25.80
C CYS A 40 30.36 -5.96 -26.10
N ASN A 41 29.47 -6.18 -27.07
CA ASN A 41 28.43 -5.19 -27.39
C ASN A 41 27.01 -5.65 -27.08
N TRP A 42 26.88 -6.87 -26.53
CA TRP A 42 25.58 -7.32 -26.06
C TRP A 42 25.18 -6.45 -24.87
N THR A 43 23.88 -6.27 -24.70
CA THR A 43 23.34 -5.49 -23.59
C THR A 43 23.97 -5.94 -22.27
N GLY A 44 24.56 -5.00 -21.54
CA GLY A 44 25.09 -5.28 -20.22
C GLY A 44 26.58 -5.65 -20.11
N ILE A 45 27.12 -6.30 -21.13
CA ILE A 45 28.52 -6.71 -21.07
C ILE A 45 29.47 -5.52 -21.25
N THR A 46 30.66 -5.62 -20.67
CA THR A 46 31.70 -4.62 -20.79
C THR A 46 33.05 -5.31 -20.66
N CYS A 47 33.91 -5.17 -21.68
CA CYS A 47 35.24 -5.78 -21.64
C CYS A 47 36.35 -4.75 -21.37
N ASN A 48 37.56 -5.07 -21.84
CA ASN A 48 38.67 -4.13 -21.76
C ASN A 48 39.65 -4.28 -22.94
N ARG A 54 38.15 -9.86 -22.62
CA ARG A 54 37.73 -10.36 -21.30
C ARG A 54 36.59 -9.56 -20.70
N VAL A 55 35.49 -10.24 -20.39
CA VAL A 55 34.33 -9.64 -19.73
C VAL A 55 34.69 -9.22 -18.30
N ILE A 56 34.51 -7.95 -17.97
CA ILE A 56 34.79 -7.48 -16.62
C ILE A 56 33.55 -6.98 -15.88
N ARG A 57 32.50 -6.69 -16.63
CA ARG A 57 31.25 -6.32 -15.98
C ARG A 57 30.12 -7.08 -16.63
N LEU A 58 29.11 -7.41 -15.85
CA LEU A 58 27.89 -8.02 -16.37
C LEU A 58 26.78 -7.38 -15.58
N GLU A 59 25.98 -6.56 -16.26
CA GLU A 59 24.93 -5.78 -15.63
C GLU A 59 23.61 -5.93 -16.38
N LEU A 60 22.72 -6.73 -15.82
CA LEU A 60 21.39 -6.87 -16.37
C LEU A 60 20.35 -6.73 -15.27
N GLY A 61 20.46 -5.66 -14.50
CA GLY A 61 19.43 -5.32 -13.53
C GLY A 61 18.18 -4.84 -14.25
N ASN A 62 17.01 -5.15 -13.68
CA ASN A 62 15.75 -4.59 -14.16
C ASN A 62 15.49 -4.95 -15.62
N LYS A 63 15.60 -6.24 -15.96
CA LYS A 63 15.37 -6.73 -17.32
C LYS A 63 14.41 -7.94 -17.36
N LYS A 64 13.61 -8.09 -16.31
CA LYS A 64 12.56 -9.11 -16.26
C LYS A 64 13.07 -10.53 -16.44
N LEU A 65 14.34 -10.73 -16.10
CA LEU A 65 15.01 -12.02 -16.23
C LEU A 65 14.38 -13.08 -15.32
N SER A 66 14.11 -14.25 -15.88
CA SER A 66 13.51 -15.33 -15.10
C SER A 66 14.27 -16.65 -15.33
N GLY A 67 14.47 -17.41 -14.26
CA GLY A 67 15.21 -18.65 -14.33
C GLY A 67 16.15 -18.80 -13.15
N LYS A 68 17.34 -19.34 -13.38
CA LYS A 68 18.25 -19.65 -12.28
C LYS A 68 19.65 -19.16 -12.60
N LEU A 69 20.44 -18.87 -11.56
CA LEU A 69 21.83 -18.47 -11.77
C LEU A 69 22.67 -19.67 -12.22
N SER A 70 23.16 -19.61 -13.46
CA SER A 70 24.02 -20.66 -13.99
C SER A 70 25.33 -20.80 -13.22
N GLU A 71 25.86 -22.02 -13.16
CA GLU A 71 27.12 -22.29 -12.50
C GLU A 71 28.30 -21.69 -13.28
N SER A 72 28.09 -21.44 -14.57
CA SER A 72 29.15 -20.88 -15.39
C SER A 72 29.45 -19.41 -15.08
N LEU A 73 28.72 -18.82 -14.14
CA LEU A 73 28.96 -17.44 -13.74
C LEU A 73 30.30 -17.35 -13.03
N GLY A 74 30.63 -18.38 -12.26
CA GLY A 74 31.91 -18.45 -11.58
C GLY A 74 33.09 -18.74 -12.50
N LYS A 75 32.82 -18.84 -13.79
CA LYS A 75 33.84 -19.06 -14.80
C LYS A 75 34.29 -17.77 -15.51
N LEU A 76 33.74 -16.63 -15.10
CA LEU A 76 34.09 -15.33 -15.66
C LEU A 76 35.18 -14.70 -14.80
N ASP A 77 36.39 -15.24 -14.90
CA ASP A 77 37.46 -14.94 -13.96
C ASP A 77 37.88 -13.47 -13.88
N GLU A 78 37.46 -12.66 -14.86
CA GLU A 78 37.91 -11.27 -14.88
C GLU A 78 36.76 -10.32 -14.57
N ILE A 79 35.65 -10.88 -14.10
CA ILE A 79 34.50 -10.06 -13.79
C ILE A 79 34.83 -9.24 -12.55
N ARG A 80 34.45 -7.97 -12.59
CA ARG A 80 34.65 -7.06 -11.47
C ARG A 80 33.31 -6.60 -10.95
N VAL A 81 32.34 -6.44 -11.86
CA VAL A 81 30.97 -6.12 -11.45
C VAL A 81 29.98 -7.17 -11.89
N LEU A 82 29.19 -7.69 -10.94
CA LEU A 82 28.09 -8.59 -11.25
C LEU A 82 26.79 -7.98 -10.75
N ASN A 83 25.99 -7.45 -11.67
CA ASN A 83 24.72 -6.81 -11.30
C ASN A 83 23.52 -7.51 -11.92
N LEU A 84 22.68 -8.11 -11.08
CA LEU A 84 21.49 -8.80 -11.55
C LEU A 84 20.28 -8.43 -10.68
N SER A 85 20.34 -7.24 -10.09
CA SER A 85 19.27 -6.74 -9.24
C SER A 85 17.94 -6.56 -9.98
N ARG A 86 16.85 -6.61 -9.22
CA ARG A 86 15.51 -6.37 -9.75
C ARG A 86 15.13 -7.24 -10.97
N ASN A 87 15.05 -8.55 -10.75
CA ASN A 87 14.61 -9.51 -11.76
C ASN A 87 13.75 -10.58 -11.08
N PHE A 88 13.63 -11.77 -11.67
CA PHE A 88 12.86 -12.85 -11.07
C PHE A 88 13.65 -14.15 -11.05
N ILE A 89 14.83 -14.11 -10.44
CA ILE A 89 15.72 -15.26 -10.45
C ILE A 89 15.48 -16.12 -9.21
N LYS A 90 15.12 -17.38 -9.41
CA LYS A 90 14.82 -18.25 -8.29
C LYS A 90 16.04 -19.08 -7.95
N ASP A 91 15.88 -19.96 -6.95
CA ASP A 91 16.89 -20.95 -6.57
C ASP A 91 18.14 -20.40 -5.89
N SER A 92 19.27 -21.08 -6.05
CA SER A 92 20.44 -20.77 -5.25
C SER A 92 21.51 -19.97 -5.99
N ILE A 93 22.45 -19.44 -5.23
CA ILE A 93 23.65 -18.81 -5.77
C ILE A 93 24.71 -19.88 -5.84
N PRO A 94 25.26 -20.14 -7.05
CA PRO A 94 26.31 -21.13 -7.29
C PRO A 94 27.57 -20.82 -6.50
N LEU A 95 28.30 -21.85 -6.08
CA LEU A 95 29.45 -21.67 -5.19
C LEU A 95 30.63 -20.94 -5.83
N SER A 96 30.82 -21.12 -7.13
CA SER A 96 31.97 -20.49 -7.79
C SER A 96 31.89 -18.96 -7.79
N ILE A 97 30.68 -18.43 -7.66
CA ILE A 97 30.47 -16.98 -7.60
C ILE A 97 31.08 -16.44 -6.29
N PHE A 98 31.26 -17.32 -5.31
CA PHE A 98 31.88 -16.92 -4.05
C PHE A 98 33.41 -17.09 -4.07
N ASN A 99 33.98 -17.18 -5.26
CA ASN A 99 35.42 -17.35 -5.43
C ASN A 99 36.05 -16.55 -6.56
N LEU A 100 35.32 -15.59 -7.10
CA LEU A 100 35.87 -14.74 -8.16
C LEU A 100 36.87 -13.80 -7.52
N LYS A 101 38.10 -13.86 -7.98
CA LYS A 101 39.19 -13.17 -7.31
C LYS A 101 39.22 -11.67 -7.58
N ASN A 102 38.39 -11.24 -8.52
CA ASN A 102 38.39 -9.85 -8.96
C ASN A 102 37.07 -9.13 -8.77
N LEU A 103 36.07 -9.86 -8.31
CA LEU A 103 34.73 -9.33 -8.16
C LEU A 103 34.77 -8.27 -7.06
N GLN A 104 34.42 -7.04 -7.41
CA GLN A 104 34.41 -5.98 -6.40
C GLN A 104 33.02 -5.43 -6.07
N THR A 105 32.07 -5.60 -6.98
CA THR A 105 30.70 -5.29 -6.63
C THR A 105 29.72 -6.41 -7.06
N LEU A 106 29.02 -6.96 -6.06
CA LEU A 106 28.04 -8.02 -6.25
C LEU A 106 26.66 -7.53 -5.86
N ASP A 107 25.75 -7.47 -6.83
CA ASP A 107 24.40 -6.99 -6.56
C ASP A 107 23.35 -7.96 -7.10
N LEU A 108 22.71 -8.68 -6.18
CA LEU A 108 21.73 -9.68 -6.53
C LEU A 108 20.44 -9.37 -5.79
N SER A 109 20.21 -8.08 -5.53
CA SER A 109 19.07 -7.66 -4.72
C SER A 109 17.78 -7.69 -5.52
N SER A 110 16.66 -7.93 -4.83
CA SER A 110 15.34 -7.96 -5.45
C SER A 110 15.21 -9.07 -6.50
N ASN A 111 15.31 -10.32 -6.04
CA ASN A 111 15.01 -11.48 -6.86
C ASN A 111 14.25 -12.44 -5.97
N ASP A 112 14.28 -13.73 -6.29
CA ASP A 112 13.67 -14.72 -5.41
C ASP A 112 14.70 -15.79 -5.11
N LEU A 113 15.91 -15.32 -4.82
CA LEU A 113 17.02 -16.19 -4.44
C LEU A 113 16.75 -16.76 -3.07
N SER A 114 17.17 -17.99 -2.86
CA SER A 114 16.89 -18.70 -1.62
C SER A 114 18.09 -19.54 -1.23
N GLY A 115 17.89 -20.41 -0.24
CA GLY A 115 19.01 -21.19 0.27
C GLY A 115 19.76 -20.35 1.28
N GLY A 116 21.07 -20.54 1.32
CA GLY A 116 21.89 -19.81 2.26
C GLY A 116 23.25 -19.50 1.71
N ILE A 117 24.05 -18.83 2.52
CA ILE A 117 25.38 -18.39 2.14
C ILE A 117 26.43 -19.39 2.62
N PRO A 118 27.38 -19.77 1.74
CA PRO A 118 28.48 -20.69 2.07
C PRO A 118 29.30 -20.24 3.28
N THR A 119 29.96 -21.20 3.93
CA THR A 119 30.77 -20.92 5.10
C THR A 119 32.18 -20.55 4.68
N SER A 120 32.52 -20.88 3.45
CA SER A 120 33.79 -20.44 2.89
C SER A 120 33.51 -19.48 1.74
N ILE A 121 34.12 -18.32 1.80
CA ILE A 121 33.96 -17.32 0.77
C ILE A 121 35.33 -16.74 0.55
N ASN A 122 35.68 -16.48 -0.70
CA ASN A 122 36.99 -15.90 -0.98
C ASN A 122 36.90 -14.85 -2.06
N LEU A 123 36.52 -13.65 -1.66
CA LEU A 123 36.32 -12.54 -2.58
C LEU A 123 37.23 -11.41 -2.14
N PRO A 124 38.54 -11.56 -2.36
CA PRO A 124 39.53 -10.60 -1.88
C PRO A 124 39.37 -9.19 -2.42
N ALA A 125 38.62 -9.03 -3.50
CA ALA A 125 38.56 -7.75 -4.20
C ALA A 125 37.30 -6.99 -3.86
N LEU A 126 36.41 -7.66 -3.11
CA LEU A 126 35.04 -7.24 -2.90
C LEU A 126 34.92 -5.92 -2.12
N GLN A 127 34.13 -5.00 -2.65
CA GLN A 127 33.92 -3.71 -2.00
C GLN A 127 32.45 -3.54 -1.57
N SER A 128 31.56 -4.15 -2.33
CA SER A 128 30.14 -4.00 -2.14
C SER A 128 29.44 -5.35 -2.27
N PHE A 129 28.66 -5.74 -1.26
CA PHE A 129 27.98 -7.02 -1.23
C PHE A 129 26.48 -6.80 -0.96
N ASP A 130 25.64 -7.04 -1.96
CA ASP A 130 24.20 -6.76 -1.80
C ASP A 130 23.29 -7.93 -2.16
N LEU A 131 22.70 -8.54 -1.14
CA LEU A 131 21.79 -9.65 -1.31
C LEU A 131 20.38 -9.29 -0.81
N SER A 132 20.09 -7.99 -0.73
CA SER A 132 18.80 -7.46 -0.26
C SER A 132 17.59 -8.00 -1.00
N SER A 133 16.48 -8.12 -0.29
CA SER A 133 15.18 -8.45 -0.90
C SER A 133 15.21 -9.78 -1.64
N ASN A 134 15.57 -10.82 -0.92
CA ASN A 134 15.52 -12.17 -1.43
C ASN A 134 15.00 -13.05 -0.31
N LYS A 135 15.16 -14.35 -0.44
CA LYS A 135 14.67 -15.26 0.56
C LYS A 135 15.76 -16.00 1.25
N PHE A 136 16.90 -15.38 1.42
CA PHE A 136 18.02 -16.05 2.01
C PHE A 136 17.71 -16.44 3.40
N ASN A 137 18.27 -17.53 3.83
CA ASN A 137 17.86 -18.22 5.01
C ASN A 137 19.08 -18.41 5.85
N GLY A 138 18.94 -18.72 7.12
CA GLY A 138 20.10 -19.08 7.89
C GLY A 138 20.95 -18.00 8.48
N SER A 139 22.13 -18.39 8.92
CA SER A 139 23.05 -17.50 9.60
C SER A 139 23.66 -16.40 8.75
N LEU A 140 23.94 -15.27 9.37
CA LEU A 140 24.55 -14.10 8.75
C LEU A 140 25.96 -14.33 8.20
N PRO A 141 26.21 -13.98 6.93
CA PRO A 141 27.49 -14.14 6.25
C PRO A 141 28.62 -13.31 6.86
N SER A 142 28.72 -13.32 8.18
CA SER A 142 29.70 -12.54 8.92
C SER A 142 31.15 -12.82 8.49
N HIS A 143 31.46 -14.09 8.26
CA HIS A 143 32.81 -14.52 7.89
C HIS A 143 33.32 -13.96 6.56
N ILE A 144 32.53 -13.14 5.88
CA ILE A 144 32.95 -12.60 4.58
C ILE A 144 34.04 -11.57 4.79
N CYS A 145 34.24 -11.17 6.03
CA CYS A 145 35.22 -10.15 6.34
C CYS A 145 36.61 -10.73 6.45
N HIS A 146 36.70 -12.06 6.49
CA HIS A 146 37.98 -12.72 6.62
C HIS A 146 38.83 -12.55 5.36
N ASN A 147 38.28 -12.91 4.20
CA ASN A 147 39.02 -12.78 2.94
C ASN A 147 38.69 -11.50 2.17
N SER A 148 37.62 -10.82 2.53
CA SER A 148 37.24 -9.60 1.82
C SER A 148 37.53 -8.39 2.68
N THR A 149 38.81 -8.06 2.80
CA THR A 149 39.28 -7.03 3.73
C THR A 149 38.97 -5.62 3.28
N GLN A 150 38.53 -5.47 2.04
CA GLN A 150 38.32 -4.16 1.43
C GLN A 150 36.83 -3.74 1.43
N ILE A 151 35.99 -4.58 2.04
CA ILE A 151 34.54 -4.45 1.92
C ILE A 151 33.99 -3.17 2.61
N ARG A 152 33.21 -2.38 1.90
CA ARG A 152 32.72 -1.13 2.45
C ARG A 152 31.21 -1.17 2.67
N VAL A 153 30.53 -2.03 1.92
CA VAL A 153 29.08 -2.07 1.98
C VAL A 153 28.53 -3.48 2.12
N VAL A 154 27.80 -3.74 3.20
CA VAL A 154 27.10 -5.02 3.34
C VAL A 154 25.60 -4.77 3.42
N LYS A 155 24.84 -5.43 2.55
CA LYS A 155 23.38 -5.25 2.52
C LYS A 155 22.64 -6.58 2.49
N LEU A 156 22.11 -6.97 3.64
CA LEU A 156 21.35 -8.21 3.77
C LEU A 156 19.86 -7.95 4.04
N ALA A 157 19.43 -6.70 3.91
CA ALA A 157 18.08 -6.30 4.29
C ALA A 157 16.99 -7.06 3.54
N VAL A 158 15.86 -7.24 4.21
CA VAL A 158 14.69 -7.91 3.64
C VAL A 158 14.99 -9.34 3.19
N ASN A 159 15.28 -10.18 4.17
CA ASN A 159 15.50 -11.60 3.95
C ASN A 159 14.94 -12.37 5.14
N TYR A 160 15.31 -13.63 5.25
CA TYR A 160 14.78 -14.50 6.28
C TYR A 160 15.87 -14.92 7.23
N PHE A 161 16.93 -14.12 7.31
CA PHE A 161 18.02 -14.42 8.22
C PHE A 161 17.45 -14.40 9.62
N ALA A 162 17.62 -15.49 10.35
CA ALA A 162 17.21 -15.54 11.74
C ALA A 162 18.41 -15.92 12.59
N GLY A 163 18.17 -16.12 13.88
CA GLY A 163 19.25 -16.42 14.79
C GLY A 163 19.84 -15.15 15.32
N ASN A 164 20.85 -15.29 16.19
CA ASN A 164 21.52 -14.17 16.79
C ASN A 164 22.11 -13.21 15.76
N PHE A 165 22.21 -11.94 16.14
CA PHE A 165 23.00 -10.97 15.41
C PHE A 165 24.43 -11.29 15.84
N THR A 166 25.07 -12.18 15.08
CA THR A 166 26.36 -12.79 15.44
C THR A 166 27.58 -11.89 15.25
N SER A 167 28.63 -12.22 15.99
CA SER A 167 29.89 -11.49 15.92
C SER A 167 30.57 -11.70 14.58
N GLY A 168 31.47 -10.80 14.22
CA GLY A 168 32.14 -10.95 12.94
C GLY A 168 32.35 -9.65 12.18
N PHE A 169 31.28 -8.90 11.97
CA PHE A 169 31.38 -7.67 11.19
C PHE A 169 32.44 -6.71 11.71
N GLY A 170 32.92 -6.93 12.93
CA GLY A 170 33.94 -6.08 13.50
C GLY A 170 35.29 -6.29 12.87
N LYS A 171 35.38 -7.32 12.03
CA LYS A 171 36.59 -7.63 11.28
C LYS A 171 36.63 -6.87 9.96
N CYS A 172 35.51 -6.24 9.59
CA CYS A 172 35.48 -5.41 8.39
C CYS A 172 35.92 -3.97 8.73
N VAL A 173 37.21 -3.84 9.02
CA VAL A 173 37.82 -2.61 9.49
C VAL A 173 37.37 -1.40 8.65
N LEU A 174 37.12 -1.63 7.36
CA LEU A 174 36.77 -0.53 6.45
C LEU A 174 35.25 -0.33 6.19
N LEU A 175 34.41 -1.14 6.83
CA LEU A 175 32.96 -1.14 6.55
C LEU A 175 32.28 0.23 6.78
N GLU A 176 31.44 0.65 5.83
CA GLU A 176 30.79 1.96 5.89
C GLU A 176 29.25 1.88 5.95
N HIS A 177 28.67 0.91 5.26
CA HIS A 177 27.25 0.68 5.26
C HIS A 177 26.94 -0.73 5.74
N LEU A 178 26.19 -0.87 6.81
CA LEU A 178 25.73 -2.19 7.22
C LEU A 178 24.20 -2.19 7.36
N CYS A 179 23.53 -2.93 6.49
CA CYS A 179 22.07 -2.98 6.47
C CYS A 179 21.54 -4.39 6.75
N LEU A 180 21.03 -4.62 7.96
CA LEU A 180 20.45 -5.91 8.31
C LEU A 180 18.92 -5.83 8.52
N GLY A 181 18.33 -4.73 8.07
CA GLY A 181 16.91 -4.49 8.28
C GLY A 181 15.96 -5.56 7.78
N MET A 182 14.72 -5.51 8.29
CA MET A 182 13.66 -6.51 8.05
C MET A 182 14.10 -7.94 7.84
N ASN A 183 14.73 -8.50 8.88
CA ASN A 183 14.93 -9.92 9.00
C ASN A 183 14.29 -10.39 10.30
N ASP A 184 14.76 -11.51 10.84
CA ASP A 184 14.23 -12.01 12.09
C ASP A 184 15.31 -12.19 13.16
N LEU A 185 16.21 -11.21 13.29
CA LEU A 185 17.36 -11.35 14.19
C LEU A 185 17.01 -11.17 15.67
N THR A 186 17.63 -11.96 16.55
CA THR A 186 17.44 -11.80 18.00
C THR A 186 18.74 -11.46 18.71
N GLY A 187 18.68 -11.29 20.02
CA GLY A 187 19.85 -10.96 20.83
C GLY A 187 20.13 -9.47 20.81
N ASN A 188 21.21 -9.02 21.43
CA ASN A 188 21.55 -7.59 21.39
C ASN A 188 22.56 -7.32 20.27
N ILE A 189 22.85 -6.05 19.99
CA ILE A 189 23.94 -5.70 19.09
C ILE A 189 25.25 -6.28 19.62
N PRO A 190 25.91 -7.14 18.83
CA PRO A 190 27.16 -7.80 19.24
C PRO A 190 28.27 -6.80 19.52
N GLU A 191 28.98 -7.00 20.62
CA GLU A 191 30.00 -6.06 21.09
C GLU A 191 31.00 -5.67 19.99
N ASP A 192 31.37 -6.61 19.14
CA ASP A 192 32.42 -6.35 18.13
C ASP A 192 32.06 -5.24 17.15
N LEU A 193 30.77 -5.05 16.92
CA LEU A 193 30.31 -4.09 15.93
C LEU A 193 30.76 -2.68 16.26
N PHE A 194 31.15 -2.45 17.50
CA PHE A 194 31.51 -1.11 17.94
C PHE A 194 32.96 -0.75 17.62
N HIS A 195 33.66 -1.65 16.93
CA HIS A 195 35.02 -1.40 16.45
C HIS A 195 34.96 -0.68 15.11
N LEU A 196 33.80 -0.70 14.47
CA LEU A 196 33.65 -0.14 13.13
C LEU A 196 33.77 1.38 13.10
N LYS A 197 34.99 1.87 13.34
CA LYS A 197 35.37 3.29 13.32
C LYS A 197 34.93 4.08 12.09
N ARG A 198 34.58 3.42 11.00
CA ARG A 198 34.23 4.13 9.77
C ARG A 198 32.79 3.90 9.30
N LEU A 199 31.99 3.23 10.12
CA LEU A 199 30.61 2.95 9.79
C LEU A 199 29.80 4.25 9.78
N ASN A 200 29.14 4.55 8.66
CA ASN A 200 28.29 5.73 8.61
C ASN A 200 26.78 5.43 8.47
N LEU A 201 26.44 4.19 8.14
CA LEU A 201 25.06 3.74 8.15
C LEU A 201 24.98 2.43 8.91
N LEU A 202 24.03 2.33 9.85
CA LEU A 202 23.72 1.08 10.49
C LEU A 202 22.21 0.91 10.54
N GLY A 203 21.67 0.06 9.68
CA GLY A 203 20.24 -0.25 9.73
C GLY A 203 20.02 -1.64 10.29
N ILE A 204 19.37 -1.73 11.44
CA ILE A 204 19.07 -3.04 12.01
C ILE A 204 17.59 -3.10 12.38
N GLN A 205 16.82 -2.24 11.72
CA GLN A 205 15.42 -2.06 12.03
C GLN A 205 14.60 -3.29 11.66
N GLU A 206 13.39 -3.36 12.20
CA GLU A 206 12.43 -4.42 11.86
C GLU A 206 12.99 -5.83 12.03
N ASN A 207 13.63 -6.05 13.18
CA ASN A 207 13.99 -7.38 13.63
C ASN A 207 13.30 -7.71 14.94
N ARG A 208 13.95 -8.52 15.77
CA ARG A 208 13.49 -8.78 17.13
C ARG A 208 14.63 -8.60 18.10
N LEU A 209 15.45 -7.57 17.88
CA LEU A 209 16.59 -7.37 18.74
C LEU A 209 16.09 -6.88 20.08
N SER A 210 16.79 -7.23 21.16
CA SER A 210 16.37 -6.84 22.50
C SER A 210 17.54 -6.39 23.37
N GLY A 211 17.23 -5.86 24.55
CA GLY A 211 18.22 -5.42 25.50
C GLY A 211 18.39 -3.92 25.47
N SER A 212 19.20 -3.39 26.39
CA SER A 212 19.54 -1.98 26.33
C SER A 212 20.40 -1.73 25.12
N LEU A 213 20.41 -0.47 24.72
CA LEU A 213 21.21 -0.02 23.60
C LEU A 213 22.49 0.53 24.22
N SER A 214 23.59 -0.17 23.98
CA SER A 214 24.83 0.06 24.69
C SER A 214 25.41 1.46 24.50
N ARG A 215 26.03 1.98 25.56
CA ARG A 215 26.75 3.24 25.45
C ARG A 215 27.90 3.17 24.47
N GLU A 216 28.29 1.95 24.06
CA GLU A 216 29.46 1.78 23.21
C GLU A 216 29.21 2.26 21.79
N ILE A 217 27.94 2.47 21.46
CA ILE A 217 27.55 3.14 20.23
C ILE A 217 28.36 4.45 20.05
N ARG A 218 28.79 5.05 21.15
CA ARG A 218 29.61 6.27 21.08
C ARG A 218 30.92 6.06 20.29
N ASN A 219 31.33 4.83 20.17
CA ASN A 219 32.47 4.47 19.35
C ASN A 219 32.25 4.59 17.88
N LEU A 220 31.02 4.44 17.43
CA LEU A 220 30.76 4.51 16.02
C LEU A 220 30.64 5.93 15.67
N SER A 221 31.75 6.60 15.76
CA SER A 221 31.80 8.02 15.67
C SER A 221 31.61 8.58 14.29
N SER A 222 31.51 7.72 13.31
CA SER A 222 31.32 8.17 11.97
C SER A 222 29.88 8.06 11.54
N LEU A 223 29.00 7.65 12.43
CA LEU A 223 27.64 7.44 12.04
C LEU A 223 26.93 8.68 11.57
N VAL A 224 26.22 8.56 10.48
CA VAL A 224 25.40 9.62 9.94
C VAL A 224 23.95 9.20 10.09
N ARG A 225 23.70 7.90 9.95
CA ARG A 225 22.34 7.40 10.05
C ARG A 225 22.29 6.12 10.84
N LEU A 226 21.44 6.09 11.84
CA LEU A 226 21.33 4.98 12.76
C LEU A 226 19.88 4.63 12.84
N ASP A 227 19.47 3.48 12.29
CA ASP A 227 18.08 3.06 12.37
C ASP A 227 17.97 1.78 13.18
N VAL A 228 17.26 1.90 14.27
CA VAL A 228 17.11 0.85 15.22
C VAL A 228 15.67 0.53 15.40
N SER A 229 14.82 1.13 14.60
CA SER A 229 13.40 1.08 14.82
C SER A 229 12.79 -0.28 14.69
N TRP A 230 11.60 -0.42 15.23
CA TRP A 230 10.84 -1.64 15.17
C TRP A 230 11.50 -2.89 15.70
N ASN A 231 12.11 -2.79 16.85
CA ASN A 231 12.73 -3.92 17.49
C ASN A 231 12.13 -4.08 18.87
N LEU A 232 12.85 -4.70 19.79
CA LEU A 232 12.38 -4.84 21.15
C LEU A 232 13.30 -4.26 22.18
N PHE A 233 13.96 -3.16 21.87
CA PHE A 233 14.94 -2.59 22.75
C PHE A 233 14.31 -1.98 24.00
N SER A 234 15.09 -1.78 25.04
CA SER A 234 14.58 -1.32 26.30
C SER A 234 15.62 -0.52 27.05
N GLY A 235 15.26 0.05 28.19
CA GLY A 235 16.18 0.87 28.95
C GLY A 235 16.25 2.27 28.36
N GLU A 236 17.17 3.07 28.86
CA GLU A 236 17.23 4.42 28.39
C GLU A 236 18.03 4.58 27.11
N ILE A 237 17.61 5.53 26.27
CA ILE A 237 18.42 6.04 25.19
C ILE A 237 19.78 6.47 25.77
N PRO A 238 20.87 5.91 25.24
CA PRO A 238 22.21 6.19 25.76
C PRO A 238 22.67 7.60 25.49
N ASP A 239 23.24 8.25 26.50
CA ASP A 239 23.63 9.67 26.42
C ASP A 239 24.94 9.87 25.65
N VAL A 240 24.96 9.50 24.37
CA VAL A 240 26.23 9.43 23.65
C VAL A 240 26.36 10.35 22.44
N PHE A 241 25.58 11.40 22.38
CA PHE A 241 25.45 12.12 21.11
C PHE A 241 26.48 13.23 20.87
N ASP A 242 27.31 13.49 21.89
CA ASP A 242 28.39 14.44 21.72
C ASP A 242 29.56 13.70 21.08
N GLU A 243 29.52 12.38 21.19
CA GLU A 243 30.53 11.58 20.55
C GLU A 243 30.09 11.15 19.14
N LEU A 244 28.97 11.68 18.66
CA LEU A 244 28.50 11.38 17.30
C LEU A 244 28.31 12.65 16.48
N PRO A 245 29.38 13.41 16.30
CA PRO A 245 29.24 14.72 15.64
C PRO A 245 28.68 14.70 14.21
N GLN A 246 28.56 13.55 13.57
CA GLN A 246 28.03 13.57 12.20
C GLN A 246 26.63 13.01 12.07
N LEU A 247 26.05 12.56 13.19
CA LEU A 247 24.73 11.93 13.18
C LEU A 247 23.66 12.86 12.61
N LYS A 248 22.89 12.35 11.65
CA LYS A 248 21.84 13.15 11.02
C LYS A 248 20.44 12.55 11.18
N PHE A 249 20.38 11.25 11.41
CA PHE A 249 19.10 10.55 11.42
C PHE A 249 19.13 9.49 12.50
N PHE A 250 18.38 9.70 13.58
CA PHE A 250 18.22 8.66 14.58
C PHE A 250 16.78 8.19 14.49
N LEU A 251 16.58 6.91 14.24
CA LEU A 251 15.25 6.35 14.16
C LEU A 251 15.15 5.14 15.04
N GLY A 252 14.28 5.21 16.04
CA GLY A 252 14.15 4.16 17.01
C GLY A 252 12.72 3.88 17.38
N GLN A 253 11.80 4.23 16.48
CA GLN A 253 10.38 4.09 16.79
C GLN A 253 9.96 2.64 17.01
N THR A 254 8.89 2.46 17.77
CA THR A 254 8.37 1.15 18.11
C THR A 254 9.45 0.32 18.76
N ASN A 255 9.90 0.81 19.90
CA ASN A 255 10.63 -0.01 20.84
C ASN A 255 10.02 0.22 22.21
N GLY A 256 10.69 -0.23 23.25
CA GLY A 256 10.25 0.08 24.60
C GLY A 256 11.23 0.97 25.34
N PHE A 257 11.77 1.96 24.66
CA PHE A 257 12.68 2.90 25.33
C PHE A 257 11.96 3.66 26.46
N ILE A 258 12.70 4.00 27.53
CA ILE A 258 12.14 4.79 28.63
C ILE A 258 12.99 6.02 28.99
N GLY A 259 12.49 6.83 29.92
CA GLY A 259 13.22 8.00 30.39
C GLY A 259 12.97 9.19 29.50
N GLY A 260 13.68 10.29 29.73
CA GLY A 260 13.53 11.41 28.83
C GLY A 260 14.44 11.43 27.62
N ILE A 261 14.49 12.58 26.96
CA ILE A 261 15.49 12.86 25.94
C ILE A 261 16.79 13.24 26.66
N PRO A 262 17.88 12.49 26.42
CA PRO A 262 19.15 12.74 27.08
C PRO A 262 19.73 14.09 26.65
N LYS A 263 20.43 14.74 27.57
CA LYS A 263 20.91 16.09 27.34
C LYS A 263 21.70 16.21 26.06
N SER A 264 22.45 15.17 25.71
CA SER A 264 23.33 15.24 24.55
C SER A 264 22.58 15.12 23.22
N LEU A 265 21.48 14.35 23.24
CA LEU A 265 20.58 14.26 22.09
C LEU A 265 19.87 15.59 21.94
N ALA A 266 19.46 16.13 23.09
CA ALA A 266 18.81 17.42 23.18
C ALA A 266 19.72 18.56 22.79
N ASN A 267 21.01 18.29 22.60
CA ASN A 267 21.95 19.36 22.19
C ASN A 267 22.71 19.14 20.90
N SER A 268 22.32 18.12 20.11
CA SER A 268 23.07 17.76 18.90
C SER A 268 22.85 18.76 17.76
N PRO A 269 23.92 19.45 17.37
CA PRO A 269 23.80 20.43 16.27
C PRO A 269 23.75 19.82 14.89
N SER A 270 23.86 18.50 14.77
CA SER A 270 23.93 17.91 13.44
C SER A 270 22.62 17.20 13.08
N LEU A 271 21.96 16.63 14.08
CA LEU A 271 20.70 15.91 13.86
C LEU A 271 19.71 16.65 12.93
N ASN A 272 19.31 16.00 11.83
CA ASN A 272 18.20 16.50 11.01
C ASN A 272 16.85 15.94 11.46
N LEU A 273 16.84 14.66 11.80
CA LEU A 273 15.60 13.94 12.02
C LEU A 273 15.69 13.07 13.26
N LEU A 274 14.67 13.15 14.10
CA LEU A 274 14.62 12.35 15.32
C LEU A 274 13.26 11.70 15.38
N ASN A 275 13.24 10.38 15.39
CA ASN A 275 11.99 9.65 15.43
C ASN A 275 12.05 8.55 16.47
N LEU A 276 11.39 8.79 17.61
CA LEU A 276 11.30 7.82 18.69
C LEU A 276 9.83 7.56 18.98
N ARG A 277 9.03 7.53 17.97
CA ARG A 277 7.62 7.35 18.17
C ARG A 277 7.31 5.96 18.68
N ASN A 278 6.18 5.81 19.34
CA ASN A 278 5.76 4.55 19.92
C ASN A 278 6.71 3.88 20.88
N ASN A 279 7.24 4.64 21.79
CA ASN A 279 8.06 4.13 22.85
C ASN A 279 7.43 4.37 24.21
N SER A 280 8.22 4.39 25.26
CA SER A 280 7.72 4.65 26.59
C SER A 280 8.41 5.84 27.25
N LEU A 281 8.75 6.85 26.49
CA LEU A 281 9.40 8.01 27.03
C LEU A 281 8.48 8.83 27.93
N SER A 282 9.04 9.53 28.90
CA SER A 282 8.28 10.18 29.96
C SER A 282 8.92 11.43 30.55
N GLY A 283 8.19 12.12 31.43
CA GLY A 283 8.66 13.31 32.11
C GLY A 283 8.49 14.54 31.24
N ARG A 284 9.18 15.62 31.56
CA ARG A 284 9.11 16.80 30.74
C ARG A 284 9.94 16.67 29.45
N LEU A 285 9.43 17.20 28.34
CA LEU A 285 10.13 17.15 27.08
C LEU A 285 10.90 18.43 26.85
N MET A 286 12.23 18.37 26.90
CA MET A 286 13.07 19.54 26.65
C MET A 286 14.08 19.24 25.52
N LEU A 287 14.25 20.23 24.65
CA LEU A 287 15.20 20.16 23.54
C LEU A 287 15.85 21.54 23.47
N ASN A 288 17.19 21.60 23.54
CA ASN A 288 17.88 22.88 23.44
C ASN A 288 17.86 23.38 21.99
N CYS A 289 16.75 23.98 21.60
CA CYS A 289 16.55 24.48 20.24
C CYS A 289 17.59 25.52 19.77
N THR A 290 18.41 26.02 20.69
CA THR A 290 19.54 26.89 20.34
C THR A 290 20.70 26.06 19.77
N ALA A 291 20.80 24.83 20.26
CA ALA A 291 21.90 23.96 19.92
C ALA A 291 21.53 23.20 18.66
N MET A 292 20.26 22.79 18.58
CA MET A 292 19.83 21.89 17.52
C MET A 292 19.51 22.64 16.24
N ILE A 293 20.54 23.23 15.64
CA ILE A 293 20.34 24.09 14.48
C ILE A 293 19.99 23.38 13.16
N ALA A 294 20.08 22.06 13.11
CA ALA A 294 19.81 21.40 11.84
C ALA A 294 18.51 20.61 11.85
N LEU A 295 17.94 20.45 13.04
CA LEU A 295 16.70 19.70 13.26
C LEU A 295 15.55 20.20 12.40
N ASN A 296 15.05 19.35 11.52
CA ASN A 296 13.88 19.72 10.72
C ASN A 296 12.67 18.80 10.86
N SER A 297 12.88 17.59 11.36
CA SER A 297 11.78 16.68 11.58
C SER A 297 11.85 16.05 12.98
N LEU A 298 10.74 16.09 13.70
CA LEU A 298 10.68 15.61 15.08
C LEU A 298 9.41 14.81 15.29
N ASP A 299 9.55 13.54 15.69
CA ASP A 299 8.40 12.67 15.86
C ASP A 299 8.52 11.95 17.19
N LEU A 300 7.73 12.39 18.16
CA LEU A 300 7.78 11.78 19.49
C LEU A 300 6.42 11.25 19.88
N GLY A 301 5.54 11.06 18.89
CA GLY A 301 4.18 10.60 19.14
C GLY A 301 4.09 9.32 19.94
N THR A 302 2.88 9.03 20.43
CA THR A 302 2.60 7.87 21.26
C THR A 302 3.72 7.63 22.30
N ASN A 303 3.93 8.62 23.17
CA ASN A 303 4.79 8.47 24.32
C ASN A 303 4.07 9.02 25.56
N ARG A 304 4.70 8.97 26.73
CA ARG A 304 4.03 9.53 27.90
C ARG A 304 4.71 10.79 28.40
N PHE A 305 5.16 11.62 27.48
CA PHE A 305 5.63 12.94 27.85
C PHE A 305 4.44 13.70 28.40
N ASN A 306 4.70 14.62 29.31
CA ASN A 306 3.59 15.37 29.90
C ASN A 306 3.96 16.81 30.15
N GLY A 307 2.98 17.59 30.63
CA GLY A 307 3.12 19.01 30.75
C GLY A 307 2.39 19.76 29.65
N ARG A 308 2.59 21.07 29.62
CA ARG A 308 2.15 21.82 28.47
C ARG A 308 3.12 21.54 27.32
N LEU A 309 2.63 21.72 26.09
CA LEU A 309 3.48 21.62 24.93
C LEU A 309 4.66 22.54 25.14
N PRO A 310 5.86 22.07 24.82
CA PRO A 310 7.07 22.89 24.98
C PRO A 310 6.94 24.24 24.30
N GLU A 311 7.36 25.28 25.00
CA GLU A 311 7.23 26.64 24.55
C GLU A 311 8.37 27.03 23.59
N ASN A 312 9.47 26.27 23.60
CA ASN A 312 10.67 26.70 22.85
C ASN A 312 10.89 26.05 21.49
N LEU A 313 10.09 25.02 21.16
CA LEU A 313 10.11 24.42 19.83
C LEU A 313 10.20 25.41 18.65
N PRO A 314 9.50 26.56 18.70
CA PRO A 314 9.67 27.42 17.51
C PRO A 314 11.05 28.06 17.43
N ASP A 315 11.86 27.92 18.48
CA ASP A 315 13.24 28.42 18.44
C ASP A 315 14.14 27.51 17.59
N CYS A 316 13.66 26.29 17.35
CA CYS A 316 14.20 25.40 16.33
C CYS A 316 13.82 25.92 14.94
N LYS A 317 14.70 26.74 14.38
CA LYS A 317 14.42 27.51 13.18
C LYS A 317 14.39 26.73 11.87
N ARG A 318 14.73 25.44 11.92
CA ARG A 318 14.64 24.60 10.72
C ARG A 318 13.51 23.55 10.86
N LEU A 319 12.84 23.55 12.01
CA LEU A 319 11.91 22.47 12.35
C LEU A 319 10.63 22.53 11.50
N LYS A 320 10.44 21.53 10.66
CA LYS A 320 9.49 21.60 9.57
C LYS A 320 8.41 20.57 9.82
N ASN A 321 8.83 19.41 10.27
CA ASN A 321 7.90 18.35 10.58
C ASN A 321 7.86 18.12 12.10
N VAL A 322 6.70 18.33 12.71
CA VAL A 322 6.55 18.10 14.15
C VAL A 322 5.38 17.18 14.44
N ASN A 323 5.64 16.04 15.05
CA ASN A 323 4.56 15.18 15.49
C ASN A 323 4.62 14.81 16.96
N LEU A 324 3.68 15.32 17.74
CA LEU A 324 3.62 15.05 19.18
C LEU A 324 2.35 14.34 19.57
N ALA A 325 1.65 13.76 18.60
CA ALA A 325 0.35 13.14 18.84
C ALA A 325 0.35 12.11 19.96
N ARG A 326 -0.82 11.87 20.55
CA ARG A 326 -1.05 10.77 21.50
C ARG A 326 -0.01 10.70 22.61
N ASN A 327 0.50 11.84 23.03
CA ASN A 327 1.21 11.90 24.29
C ASN A 327 0.21 12.19 25.38
N THR A 328 0.70 12.63 26.54
CA THR A 328 -0.22 13.08 27.57
C THR A 328 0.11 14.53 27.91
N PHE A 329 0.29 15.36 26.88
CA PHE A 329 0.38 16.80 27.11
C PHE A 329 -1.02 17.27 27.53
N HIS A 330 -1.14 18.55 27.82
CA HIS A 330 -2.46 19.14 28.01
C HIS A 330 -2.40 20.65 27.86
N GLY A 331 -3.59 21.24 27.70
CA GLY A 331 -3.73 22.68 27.74
C GLY A 331 -3.71 23.37 26.39
N GLN A 332 -3.32 24.64 26.42
CA GLN A 332 -3.37 25.47 25.24
C GLN A 332 -2.07 25.43 24.45
N VAL A 333 -2.21 25.47 23.13
CA VAL A 333 -1.11 25.68 22.23
C VAL A 333 -0.35 26.90 22.70
N PRO A 334 0.94 26.72 23.07
CA PRO A 334 1.72 27.82 23.62
C PRO A 334 1.67 29.02 22.70
N GLU A 335 1.65 30.19 23.31
CA GLU A 335 1.55 31.46 22.61
C GLU A 335 2.75 31.70 21.67
N SER A 336 3.88 31.09 21.99
CA SER A 336 5.12 31.26 21.22
C SER A 336 5.10 30.62 19.84
N PHE A 337 4.12 29.74 19.59
CA PHE A 337 4.07 29.01 18.32
C PHE A 337 3.72 29.92 17.16
N LYS A 338 3.46 31.20 17.46
CA LYS A 338 3.24 32.19 16.43
C LYS A 338 4.45 32.26 15.51
N ASN A 339 5.65 32.04 16.07
CA ASN A 339 6.88 32.23 15.31
C ASN A 339 7.48 30.96 14.73
N PHE A 340 6.67 29.90 14.64
CA PHE A 340 7.12 28.64 14.02
C PHE A 340 7.22 28.83 12.52
N GLU A 341 8.26 29.56 12.10
CA GLU A 341 8.31 30.08 10.76
C GLU A 341 8.46 28.99 9.73
N SER A 342 8.98 27.86 10.18
CA SER A 342 9.42 26.80 9.27
C SER A 342 8.41 25.66 9.20
N LEU A 343 7.51 25.63 10.18
CA LEU A 343 6.55 24.54 10.34
C LEU A 343 5.71 24.32 9.08
N SER A 344 5.64 23.06 8.64
CA SER A 344 4.84 22.71 7.48
C SER A 344 3.79 21.66 7.81
N TYR A 345 4.16 20.70 8.65
CA TYR A 345 3.25 19.63 9.03
C TYR A 345 3.25 19.53 10.53
N PHE A 346 2.05 19.54 11.10
CA PHE A 346 1.92 19.69 12.53
C PHE A 346 0.79 18.78 12.94
N SER A 347 1.11 17.72 13.65
CA SER A 347 0.07 16.79 14.04
C SER A 347 0.06 16.58 15.54
N LEU A 348 -1.06 16.89 16.17
CA LEU A 348 -1.19 16.79 17.60
C LEU A 348 -2.46 16.06 18.00
N SER A 349 -2.82 15.05 17.22
CA SER A 349 -4.00 14.26 17.55
C SER A 349 -3.96 13.72 18.97
N ASN A 350 -5.12 13.74 19.63
CA ASN A 350 -5.33 12.96 20.83
C ASN A 350 -4.39 13.37 21.95
N SER A 351 -4.30 14.68 22.18
CA SER A 351 -3.33 15.23 23.13
C SER A 351 -3.89 16.09 24.26
N SER A 352 -5.20 16.02 24.51
CA SER A 352 -5.86 16.85 25.54
C SER A 352 -5.52 18.31 25.34
N LEU A 353 -5.67 18.82 24.12
CA LEU A 353 -5.42 20.24 23.86
C LEU A 353 -6.71 21.02 24.07
N ALA A 354 -6.60 22.23 24.61
CA ALA A 354 -7.76 23.08 24.89
C ALA A 354 -7.74 24.41 24.13
N ASN A 355 -8.92 25.01 23.99
CA ASN A 355 -9.08 26.33 23.35
C ASN A 355 -8.74 26.32 21.85
N ILE A 356 -9.61 25.73 21.03
CA ILE A 356 -9.39 25.70 19.60
C ILE A 356 -9.50 27.10 19.00
N SER A 357 -10.15 28.01 19.72
CA SER A 357 -10.21 29.39 19.28
C SER A 357 -8.81 29.99 19.37
N SER A 358 -8.08 29.65 20.42
CA SER A 358 -6.73 30.18 20.59
C SER A 358 -5.72 29.47 19.70
N ALA A 359 -5.88 28.15 19.55
CA ALA A 359 -4.93 27.36 18.77
C ALA A 359 -4.97 27.79 17.32
N LEU A 360 -6.17 27.91 16.78
CA LEU A 360 -6.33 28.34 15.40
C LEU A 360 -5.82 29.77 15.20
N GLY A 361 -6.15 30.65 16.14
CA GLY A 361 -5.72 32.04 16.07
C GLY A 361 -4.23 32.22 16.12
N ILE A 362 -3.51 31.22 16.65
CA ILE A 362 -2.06 31.25 16.72
C ILE A 362 -1.38 30.55 15.54
N LEU A 363 -1.86 29.35 15.21
CA LEU A 363 -1.28 28.55 14.14
C LEU A 363 -1.38 29.26 12.80
N GLN A 364 -2.36 30.14 12.66
CA GLN A 364 -2.54 30.86 11.40
C GLN A 364 -1.30 31.73 11.10
N HIS A 365 -0.50 32.00 12.12
CA HIS A 365 0.66 32.86 11.92
C HIS A 365 1.78 32.11 11.22
N CYS A 366 1.79 30.79 11.37
CA CYS A 366 2.77 29.92 10.73
C CYS A 366 2.50 29.89 9.24
N LYS A 367 3.13 30.78 8.49
CA LYS A 367 2.79 30.94 7.08
C LYS A 367 3.16 29.73 6.20
N ASN A 368 3.91 28.76 6.71
CA ASN A 368 4.26 27.63 5.86
C ASN A 368 3.44 26.38 6.18
N LEU A 369 2.51 26.53 7.13
CA LEU A 369 1.70 25.42 7.59
C LEU A 369 0.80 24.89 6.49
N THR A 370 0.98 23.62 6.11
CA THR A 370 0.15 23.06 5.05
C THR A 370 -0.67 21.87 5.52
N THR A 371 -0.17 21.11 6.48
CA THR A 371 -0.98 20.03 7.05
C THR A 371 -1.15 20.16 8.57
N LEU A 372 -2.38 20.03 9.02
CA LEU A 372 -2.70 20.22 10.43
C LEU A 372 -3.66 19.12 10.83
N VAL A 373 -3.24 18.30 11.78
CA VAL A 373 -4.11 17.26 12.32
C VAL A 373 -4.35 17.49 13.81
N LEU A 374 -5.60 17.78 14.18
CA LEU A 374 -5.95 18.05 15.58
C LEU A 374 -7.01 17.08 16.12
N THR A 375 -7.28 16.01 15.38
CA THR A 375 -8.21 14.96 15.82
C THR A 375 -8.17 14.65 17.32
N LEU A 376 -9.31 14.34 17.91
CA LEU A 376 -9.40 13.98 19.30
C LEU A 376 -8.87 14.98 20.29
N ASN A 377 -9.18 16.23 20.06
CA ASN A 377 -8.78 17.30 20.93
C ASN A 377 -9.91 18.29 21.12
N PHE A 378 -9.77 19.20 22.07
CA PHE A 378 -10.73 20.26 22.28
C PHE A 378 -12.09 19.74 22.58
N HIS A 379 -12.19 18.70 23.36
CA HIS A 379 -13.44 18.03 23.45
C HIS A 379 -14.56 18.95 23.85
N GLY A 380 -15.55 18.99 22.99
CA GLY A 380 -16.77 19.73 23.20
C GLY A 380 -16.83 21.21 22.90
N GLU A 381 -15.77 21.80 22.43
CA GLU A 381 -15.73 23.22 22.26
C GLU A 381 -16.40 23.66 21.00
N ALA A 382 -16.31 24.93 20.66
CA ALA A 382 -17.01 25.41 19.48
C ALA A 382 -16.04 25.84 18.41
N LEU A 383 -16.28 25.40 17.19
CA LEU A 383 -15.40 25.72 16.09
C LEU A 383 -15.48 27.19 15.94
N PRO A 384 -14.36 27.81 15.69
CA PRO A 384 -14.36 29.25 15.60
C PRO A 384 -15.03 29.69 14.33
N ASP A 385 -15.92 30.66 14.45
CA ASP A 385 -16.65 31.18 13.31
C ASP A 385 -15.95 32.38 12.72
N ASP A 386 -15.00 32.89 13.47
CA ASP A 386 -14.36 34.13 13.15
C ASP A 386 -13.84 34.08 11.74
N SER A 387 -14.11 35.10 10.94
CA SER A 387 -13.72 35.07 9.52
C SER A 387 -12.37 35.70 9.26
N SER A 388 -11.79 36.20 10.32
CA SER A 388 -10.48 36.76 10.38
C SER A 388 -9.39 35.74 10.08
N LEU A 389 -9.56 34.51 10.55
CA LEU A 389 -8.54 33.50 10.43
C LEU A 389 -8.15 33.26 8.99
N HIS A 390 -6.86 33.23 8.72
CA HIS A 390 -6.40 32.92 7.38
C HIS A 390 -5.30 31.90 7.34
N PHE A 391 -5.54 30.82 6.64
CA PHE A 391 -4.55 29.79 6.42
C PHE A 391 -4.33 29.67 4.93
N GLU A 392 -3.47 30.54 4.39
CA GLU A 392 -3.23 30.58 2.94
C GLU A 392 -2.70 29.29 2.32
N LYS A 393 -1.75 28.63 2.98
CA LYS A 393 -1.09 27.46 2.37
C LYS A 393 -1.72 26.12 2.76
N LEU A 394 -2.79 26.15 3.55
CA LEU A 394 -3.37 24.92 4.08
C LEU A 394 -3.86 23.96 2.98
N LYS A 395 -3.41 22.70 3.08
CA LYS A 395 -3.67 21.66 2.10
C LYS A 395 -4.44 20.49 2.71
N VAL A 396 -4.13 20.20 3.97
CA VAL A 396 -4.69 19.05 4.67
C VAL A 396 -5.13 19.50 6.05
N LEU A 397 -6.44 19.45 6.30
CA LEU A 397 -6.97 19.83 7.60
C LEU A 397 -7.82 18.70 8.17
N VAL A 398 -7.31 18.02 9.18
CA VAL A 398 -8.07 16.96 9.82
C VAL A 398 -8.35 17.36 11.26
N VAL A 399 -9.59 17.72 11.55
CA VAL A 399 -10.00 18.11 12.90
C VAL A 399 -11.26 17.31 13.25
N ALA A 400 -11.07 16.01 13.44
CA ALA A 400 -12.20 15.09 13.53
C ALA A 400 -12.37 14.54 14.93
N ASN A 401 -13.57 14.03 15.22
CA ASN A 401 -13.89 13.43 16.51
C ASN A 401 -13.53 14.30 17.73
N CYS A 402 -13.94 15.57 17.69
CA CYS A 402 -13.71 16.52 18.78
C CYS A 402 -15.04 16.98 19.41
N ARG A 403 -16.15 16.49 18.85
CA ARG A 403 -17.48 16.90 19.28
C ARG A 403 -17.65 18.43 19.25
N LEU A 404 -17.09 19.05 18.21
CA LEU A 404 -17.15 20.50 18.04
C LEU A 404 -18.55 20.96 17.63
N THR A 405 -19.02 22.05 18.26
CA THR A 405 -20.29 22.64 17.87
C THR A 405 -20.05 23.77 16.88
N GLY A 406 -21.14 24.29 16.32
CA GLY A 406 -21.00 25.40 15.41
C GLY A 406 -21.35 24.97 14.01
N SER A 407 -20.92 25.79 13.05
CA SER A 407 -21.22 25.51 11.66
C SER A 407 -19.92 25.52 10.88
N MET A 408 -20.00 25.12 9.62
CA MET A 408 -18.88 25.17 8.70
C MET A 408 -18.18 26.52 8.75
N PRO A 409 -16.89 26.48 9.12
CA PRO A 409 -16.12 27.70 9.32
C PRO A 409 -15.94 28.45 7.99
N ARG A 410 -16.48 29.66 7.93
CA ARG A 410 -16.40 30.45 6.71
C ARG A 410 -14.95 30.75 6.32
N TRP A 411 -14.06 30.89 7.31
CA TRP A 411 -12.67 31.28 7.06
C TRP A 411 -11.90 30.27 6.23
N LEU A 412 -12.30 29.01 6.29
CA LEU A 412 -11.65 27.95 5.53
C LEU A 412 -11.79 28.17 4.03
N SER A 413 -12.77 28.98 3.64
CA SER A 413 -13.08 29.18 2.22
C SER A 413 -11.92 29.78 1.42
N SER A 414 -11.03 30.48 2.10
CA SER A 414 -9.93 31.14 1.40
C SER A 414 -8.61 30.33 1.47
N SER A 415 -8.68 29.11 1.99
CA SER A 415 -7.61 28.13 1.81
C SER A 415 -7.86 27.47 0.48
N ASN A 416 -7.50 28.17 -0.60
CA ASN A 416 -7.78 27.70 -1.96
C ASN A 416 -7.05 26.42 -2.37
N GLU A 417 -5.99 26.08 -1.64
CA GLU A 417 -5.19 24.93 -1.98
C GLU A 417 -5.61 23.66 -1.24
N LEU A 418 -6.68 23.77 -0.45
CA LEU A 418 -7.20 22.63 0.29
C LEU A 418 -7.39 21.37 -0.56
N GLN A 419 -6.80 20.26 -0.14
CA GLN A 419 -6.91 19.00 -0.86
C GLN A 419 -7.71 17.97 -0.09
N LEU A 420 -7.54 17.97 1.22
CA LEU A 420 -8.22 17.00 2.07
C LEU A 420 -8.78 17.68 3.31
N LEU A 421 -10.08 17.44 3.58
CA LEU A 421 -10.77 18.02 4.71
C LEU A 421 -11.56 16.97 5.46
N ASP A 422 -11.22 16.74 6.72
CA ASP A 422 -12.00 15.85 7.58
C ASP A 422 -12.46 16.62 8.81
N LEU A 423 -13.77 16.85 8.93
CA LEU A 423 -14.36 17.44 10.13
C LEU A 423 -15.40 16.51 10.71
N SER A 424 -15.27 15.23 10.41
CA SER A 424 -16.25 14.24 10.80
C SER A 424 -16.31 14.04 12.31
N TRP A 425 -17.37 13.36 12.76
CA TRP A 425 -17.54 13.02 14.17
C TRP A 425 -17.51 14.22 15.11
N ASN A 426 -18.11 15.33 14.67
CA ASN A 426 -18.30 16.48 15.53
C ASN A 426 -19.80 16.67 15.83
N ARG A 427 -20.21 17.90 16.14
CA ARG A 427 -21.62 18.21 16.38
C ARG A 427 -21.99 19.46 15.59
N LEU A 428 -21.45 19.57 14.38
CA LEU A 428 -21.65 20.76 13.56
C LEU A 428 -23.08 20.85 12.97
N THR A 429 -23.54 22.08 12.73
CA THR A 429 -24.93 22.30 12.29
C THR A 429 -25.00 23.27 11.11
N GLY A 430 -26.23 23.62 10.75
CA GLY A 430 -26.46 24.43 9.57
C GLY A 430 -26.33 23.65 8.27
N ALA A 431 -26.27 24.36 7.16
CA ALA A 431 -26.05 23.69 5.89
C ALA A 431 -24.58 23.65 5.56
N ILE A 432 -24.23 22.73 4.67
CA ILE A 432 -22.92 22.69 4.05
C ILE A 432 -22.91 23.85 3.06
N PRO A 433 -22.05 24.85 3.26
CA PRO A 433 -22.11 26.02 2.39
C PRO A 433 -21.68 25.68 0.98
N SER A 434 -22.05 26.52 0.03
CA SER A 434 -21.79 26.24 -1.37
C SER A 434 -20.31 26.43 -1.74
N TRP A 435 -19.58 27.23 -0.97
CA TRP A 435 -18.15 27.44 -1.25
C TRP A 435 -17.32 26.17 -1.10
N ILE A 436 -17.92 25.14 -0.48
CA ILE A 436 -17.26 23.86 -0.31
C ILE A 436 -16.95 23.24 -1.67
N GLY A 437 -17.69 23.67 -2.69
CA GLY A 437 -17.47 23.19 -4.05
C GLY A 437 -16.51 24.03 -4.88
N ASP A 438 -15.93 25.07 -4.30
CA ASP A 438 -15.00 25.94 -5.02
C ASP A 438 -13.54 25.60 -4.75
N PHE A 439 -13.30 24.51 -4.02
CA PHE A 439 -11.93 24.11 -3.79
C PHE A 439 -11.41 23.30 -4.99
N LYS A 440 -10.61 23.93 -5.84
CA LYS A 440 -10.19 23.28 -7.07
C LYS A 440 -9.33 22.01 -6.83
N ALA A 441 -8.72 21.90 -5.65
CA ALA A 441 -7.83 20.78 -5.39
C ALA A 441 -8.42 19.78 -4.40
N LEU A 442 -9.65 19.99 -3.97
CA LEU A 442 -10.28 19.12 -2.98
C LEU A 442 -10.69 17.79 -3.60
N PHE A 443 -10.18 16.70 -3.03
CA PHE A 443 -10.47 15.35 -3.55
C PHE A 443 -10.99 14.43 -2.47
N TYR A 444 -10.68 14.72 -1.21
CA TYR A 444 -11.21 13.96 -0.09
C TYR A 444 -12.02 14.88 0.85
N LEU A 445 -13.33 14.66 0.94
CA LEU A 445 -14.19 15.42 1.84
C LEU A 445 -14.97 14.52 2.79
N ASP A 446 -14.65 14.59 4.07
CA ASP A 446 -15.47 13.89 5.06
C ASP A 446 -16.09 14.87 6.06
N LEU A 447 -17.41 14.98 5.98
CA LEU A 447 -18.19 15.76 6.91
C LEU A 447 -19.14 14.82 7.64
N SER A 448 -18.86 13.53 7.61
CA SER A 448 -19.82 12.55 8.11
C SER A 448 -20.01 12.66 9.63
N ASN A 449 -21.11 12.08 10.13
CA ASN A 449 -21.38 12.04 11.58
C ASN A 449 -21.38 13.44 12.25
N ASN A 450 -22.08 14.36 11.64
CA ASN A 450 -22.42 15.63 12.28
C ASN A 450 -23.94 15.81 12.30
N SER A 451 -24.39 17.07 12.30
CA SER A 451 -25.82 17.37 12.23
C SER A 451 -26.10 18.44 11.20
N PHE A 452 -25.46 18.33 10.04
CA PHE A 452 -25.74 19.27 8.96
C PHE A 452 -27.18 19.10 8.48
N THR A 453 -27.78 20.20 8.02
CA THR A 453 -29.15 20.18 7.54
C THR A 453 -29.21 20.78 6.14
N GLY A 454 -30.42 20.82 5.57
CA GLY A 454 -30.64 21.44 4.28
C GLY A 454 -30.24 20.56 3.11
N GLU A 455 -30.35 21.11 1.91
CA GLU A 455 -29.92 20.41 0.71
C GLU A 455 -28.40 20.22 0.68
N ILE A 456 -27.95 19.21 -0.05
CA ILE A 456 -26.56 19.02 -0.44
C ILE A 456 -26.26 20.07 -1.51
N PRO A 457 -25.19 20.84 -1.35
CA PRO A 457 -24.94 21.97 -2.25
C PRO A 457 -24.58 21.50 -3.65
N LYS A 458 -25.15 22.12 -4.68
CA LYS A 458 -24.86 21.70 -6.06
C LYS A 458 -23.40 21.88 -6.48
N SER A 459 -22.67 22.75 -5.82
CA SER A 459 -21.29 22.99 -6.20
C SER A 459 -20.42 21.73 -6.06
N LEU A 460 -20.84 20.80 -5.21
CA LEU A 460 -20.10 19.55 -5.02
C LEU A 460 -19.91 18.79 -6.33
N THR A 461 -20.90 18.94 -7.20
CA THR A 461 -20.99 18.27 -8.49
C THR A 461 -20.04 18.84 -9.49
N LYS A 462 -19.43 19.93 -9.16
CA LYS A 462 -18.59 20.68 -10.09
C LYS A 462 -17.15 20.73 -9.58
N LEU A 463 -16.86 19.96 -8.53
CA LEU A 463 -15.53 19.94 -7.92
C LEU A 463 -14.47 19.56 -8.94
N GLU A 464 -13.65 20.53 -9.33
CA GLU A 464 -12.71 20.34 -10.44
C GLU A 464 -11.88 19.07 -10.37
N SER A 465 -11.32 18.76 -9.21
CA SER A 465 -10.45 17.58 -9.07
C SER A 465 -11.20 16.28 -9.07
N LEU A 466 -12.51 16.33 -9.24
CA LEU A 466 -13.27 15.11 -9.33
C LEU A 466 -13.85 14.89 -10.70
N THR A 467 -13.81 15.92 -11.53
CA THR A 467 -14.40 15.78 -12.85
C THR A 467 -13.45 15.53 -14.00
N SER A 468 -12.40 16.32 -14.08
CA SER A 468 -11.44 16.24 -15.17
C SER A 468 -10.22 15.55 -14.63
N ARG A 469 -9.75 14.54 -15.33
CA ARG A 469 -8.74 13.67 -14.76
C ARG A 469 -7.35 14.27 -15.01
N ASN A 470 -7.34 15.52 -15.45
CA ASN A 470 -6.11 16.27 -15.62
C ASN A 470 -6.16 17.63 -14.93
N ILE A 471 -6.10 17.59 -13.61
CA ILE A 471 -5.95 18.76 -12.75
C ILE A 471 -4.72 18.47 -11.89
N SER A 472 -3.78 19.40 -11.81
CA SER A 472 -2.49 19.06 -11.25
C SER A 472 -1.99 19.90 -10.10
N VAL A 473 -1.66 19.23 -9.01
CA VAL A 473 -1.23 19.92 -7.81
C VAL A 473 -0.21 19.12 -7.05
N ASN A 474 0.60 19.79 -6.27
CA ASN A 474 1.64 19.11 -5.52
C ASN A 474 1.17 18.59 -4.20
N GLU A 475 1.27 17.29 -4.02
CA GLU A 475 0.93 16.63 -2.78
C GLU A 475 1.88 17.02 -1.68
N PRO A 476 1.36 17.20 -0.49
CA PRO A 476 2.19 17.55 0.68
C PRO A 476 3.00 16.34 1.17
N SER A 477 4.15 16.59 1.78
CA SER A 477 5.02 15.49 2.18
C SER A 477 5.37 15.49 3.67
N PRO A 478 4.38 15.20 4.51
CA PRO A 478 4.74 15.08 5.93
C PRO A 478 5.44 13.75 6.22
N ASP A 479 6.37 13.75 7.17
CA ASP A 479 7.09 12.53 7.56
C ASP A 479 6.22 11.56 8.33
N PHE A 480 5.17 12.05 8.97
CA PHE A 480 4.28 11.17 9.71
C PHE A 480 3.24 10.56 8.79
N PRO A 481 2.78 9.34 9.11
CA PRO A 481 1.66 8.73 8.37
C PRO A 481 0.28 9.13 8.95
N PHE A 482 -0.78 8.92 8.18
CA PHE A 482 -2.17 9.13 8.61
C PHE A 482 -2.90 7.81 8.78
N PHE A 483 -3.67 7.70 9.85
CA PHE A 483 -4.47 6.50 10.06
C PHE A 483 -5.97 6.78 9.86
N MET A 484 -6.70 5.77 9.41
CA MET A 484 -8.12 5.89 9.18
C MET A 484 -8.93 4.76 9.73
N LYS A 485 -9.88 5.02 10.62
CA LYS A 485 -10.83 3.99 11.02
C LYS A 485 -12.25 4.40 10.78
N ARG A 486 -13.00 3.55 10.10
CA ARG A 486 -14.39 3.82 9.80
C ARG A 486 -15.23 3.88 11.06
N ASN A 487 -14.96 3.00 11.99
CA ASN A 487 -15.70 2.94 13.23
C ASN A 487 -14.74 2.63 14.35
N GLU A 488 -15.15 2.76 15.60
CA GLU A 488 -14.21 2.56 16.69
C GLU A 488 -13.59 1.18 16.73
N SER A 489 -14.38 0.15 16.45
CA SER A 489 -13.89 -1.22 16.39
C SER A 489 -12.93 -1.62 15.26
N ALA A 490 -13.18 -1.09 14.07
CA ALA A 490 -12.50 -1.40 12.83
C ALA A 490 -10.98 -1.30 12.93
N ARG A 491 -10.26 -2.24 12.32
CA ARG A 491 -8.79 -2.18 12.33
C ARG A 491 -8.39 -0.93 11.57
N ALA A 492 -7.50 -0.14 12.15
CA ALA A 492 -7.11 1.13 11.54
C ALA A 492 -6.25 0.89 10.29
N LEU A 493 -6.44 1.72 9.27
CA LEU A 493 -5.67 1.61 8.03
C LEU A 493 -4.59 2.68 7.96
N GLN A 494 -3.38 2.28 7.55
CA GLN A 494 -2.29 3.24 7.43
C GLN A 494 -2.17 3.81 6.02
N TYR A 495 -1.97 5.12 5.94
CA TYR A 495 -1.77 5.78 4.66
C TYR A 495 -0.55 6.68 4.80
N ASN A 496 0.51 6.36 4.05
CA ASN A 496 1.74 7.15 4.15
C ASN A 496 1.67 8.38 3.28
N GLN A 497 0.85 8.31 2.24
CA GLN A 497 0.78 9.36 1.23
C GLN A 497 -0.61 9.97 1.24
N ILE A 498 -0.71 11.30 1.15
CA ILE A 498 -2.00 11.97 1.05
C ILE A 498 -2.77 11.51 -0.19
N PHE A 499 -2.06 11.41 -1.32
CA PHE A 499 -2.67 10.93 -2.55
C PHE A 499 -2.89 9.42 -2.52
N GLY A 500 -2.63 8.81 -1.37
CA GLY A 500 -2.96 7.42 -1.15
C GLY A 500 -4.43 7.24 -0.77
N PHE A 501 -5.07 8.33 -0.34
CA PHE A 501 -6.48 8.30 0.06
C PHE A 501 -7.38 8.25 -1.15
N PRO A 502 -8.42 7.41 -1.10
CA PRO A 502 -9.30 7.35 -2.26
C PRO A 502 -10.04 8.66 -2.38
N PRO A 503 -10.17 9.21 -3.60
CA PRO A 503 -11.11 10.32 -3.81
C PRO A 503 -12.49 10.00 -3.18
N THR A 504 -12.92 10.85 -2.25
CA THR A 504 -14.00 10.52 -1.34
C THR A 504 -14.91 11.72 -1.06
N ILE A 505 -16.22 11.52 -1.17
CA ILE A 505 -17.19 12.47 -0.62
C ILE A 505 -18.01 11.74 0.44
N GLU A 506 -17.80 12.15 1.69
CA GLU A 506 -18.46 11.51 2.82
C GLU A 506 -19.33 12.50 3.58
N LEU A 507 -20.64 12.41 3.35
CA LEU A 507 -21.61 13.28 4.03
C LEU A 507 -22.61 12.47 4.84
N GLY A 508 -22.27 11.21 5.12
CA GLY A 508 -23.17 10.31 5.80
C GLY A 508 -23.40 10.70 7.25
N HIS A 509 -24.44 10.13 7.83
CA HIS A 509 -24.79 10.40 9.19
C HIS A 509 -24.99 11.85 9.56
N ASN A 510 -25.70 12.58 8.71
CA ASN A 510 -26.10 13.92 9.05
C ASN A 510 -27.62 13.99 9.11
N ASN A 511 -28.16 15.16 8.85
CA ASN A 511 -29.59 15.34 8.80
C ASN A 511 -29.87 16.12 7.53
N LEU A 512 -29.80 15.48 6.39
CA LEU A 512 -29.89 16.20 5.14
C LEU A 512 -31.05 15.77 4.29
N SER A 513 -31.53 16.71 3.50
CA SER A 513 -32.72 16.53 2.70
C SER A 513 -32.56 17.18 1.36
N GLY A 514 -33.42 16.81 0.42
CA GLY A 514 -33.33 17.25 -0.95
C GLY A 514 -33.07 16.05 -1.84
N PRO A 515 -32.87 16.30 -3.14
CA PRO A 515 -32.53 15.22 -4.08
C PRO A 515 -31.04 14.88 -4.04
N ILE A 516 -30.69 13.80 -4.73
CA ILE A 516 -29.31 13.55 -5.13
C ILE A 516 -29.20 14.11 -6.53
N TRP A 517 -28.55 15.26 -6.69
CA TRP A 517 -28.45 15.90 -8.01
C TRP A 517 -27.95 14.96 -9.11
N GLU A 518 -28.62 15.00 -10.26
CA GLU A 518 -28.21 14.24 -11.43
C GLU A 518 -26.77 14.55 -11.79
N GLU A 519 -26.41 15.81 -11.65
CA GLU A 519 -25.08 16.30 -12.06
C GLU A 519 -23.91 15.65 -11.30
N PHE A 520 -24.21 14.79 -10.33
CA PHE A 520 -23.18 14.01 -9.69
C PHE A 520 -22.52 13.05 -10.67
N GLY A 521 -23.18 12.83 -11.80
CA GLY A 521 -22.63 12.01 -12.87
C GLY A 521 -21.37 12.59 -13.48
N ASN A 522 -21.11 13.87 -13.24
CA ASN A 522 -19.90 14.52 -13.73
C ASN A 522 -18.60 14.03 -13.07
N LEU A 523 -18.68 13.74 -11.78
CA LEU A 523 -17.52 13.33 -11.01
C LEU A 523 -16.93 12.00 -11.52
N LYS A 524 -16.23 12.04 -12.65
CA LYS A 524 -15.70 10.83 -13.28
C LYS A 524 -14.74 10.04 -12.38
N LYS A 525 -13.96 10.73 -11.56
CA LYS A 525 -12.91 10.09 -10.77
C LYS A 525 -13.20 9.99 -9.28
N LEU A 526 -14.46 10.03 -8.89
CA LEU A 526 -14.82 9.80 -7.49
C LEU A 526 -14.81 8.30 -7.21
N HIS A 527 -14.29 7.92 -6.05
CA HIS A 527 -14.14 6.51 -5.67
C HIS A 527 -15.17 6.09 -4.62
N VAL A 528 -15.28 6.88 -3.56
CA VAL A 528 -16.24 6.63 -2.50
C VAL A 528 -17.27 7.76 -2.42
N PHE A 529 -18.54 7.40 -2.54
CA PHE A 529 -19.64 8.35 -2.43
C PHE A 529 -20.60 7.90 -1.34
N ASP A 530 -20.49 8.49 -0.16
CA ASP A 530 -21.26 7.99 0.97
C ASP A 530 -22.26 9.00 1.48
N LEU A 531 -23.56 8.70 1.31
CA LEU A 531 -24.64 9.56 1.79
C LEU A 531 -25.59 8.86 2.76
N LYS A 532 -25.17 7.74 3.35
CA LYS A 532 -26.06 6.99 4.24
C LYS A 532 -26.51 7.79 5.46
N TRP A 533 -27.67 7.42 5.99
CA TRP A 533 -28.21 8.02 7.21
C TRP A 533 -28.37 9.53 7.09
N ASN A 534 -29.15 9.93 6.09
CA ASN A 534 -29.69 11.29 6.02
C ASN A 534 -31.19 11.18 5.82
N ALA A 535 -31.81 12.21 5.26
CA ALA A 535 -33.24 12.15 4.93
C ALA A 535 -33.48 12.55 3.47
N LEU A 536 -32.65 12.04 2.57
CA LEU A 536 -32.71 12.38 1.15
C LEU A 536 -33.93 11.73 0.50
N SER A 537 -34.42 12.34 -0.57
CA SER A 537 -35.65 11.88 -1.22
C SER A 537 -35.50 11.83 -2.73
N GLY A 538 -36.60 11.56 -3.43
CA GLY A 538 -36.59 11.51 -4.88
C GLY A 538 -36.04 10.20 -5.41
N SER A 539 -35.64 10.21 -6.69
CA SER A 539 -35.14 9.01 -7.35
C SER A 539 -33.62 9.01 -7.45
N ILE A 540 -33.03 7.83 -7.48
CA ILE A 540 -31.59 7.70 -7.71
C ILE A 540 -31.34 7.90 -9.20
N PRO A 541 -30.67 9.00 -9.58
CA PRO A 541 -30.59 9.36 -10.99
C PRO A 541 -29.88 8.30 -11.82
N SER A 542 -30.39 8.03 -13.02
CA SER A 542 -29.73 7.09 -13.90
C SER A 542 -28.32 7.56 -14.24
N SER A 543 -28.09 8.86 -14.13
CA SER A 543 -26.82 9.45 -14.54
C SER A 543 -25.68 9.19 -13.57
N LEU A 544 -25.96 8.51 -12.46
CA LEU A 544 -24.89 8.11 -11.54
C LEU A 544 -24.00 7.09 -12.22
N SER A 545 -24.49 6.50 -13.31
CA SER A 545 -23.65 5.64 -14.14
C SER A 545 -22.44 6.42 -14.69
N GLY A 546 -22.55 7.75 -14.70
CA GLY A 546 -21.45 8.59 -15.15
C GLY A 546 -20.24 8.62 -14.24
N MET A 547 -20.38 8.12 -13.02
CA MET A 547 -19.28 8.09 -12.06
C MET A 547 -18.50 6.78 -12.21
N THR A 548 -17.77 6.65 -13.32
CA THR A 548 -17.17 5.38 -13.70
C THR A 548 -16.16 4.80 -12.69
N SER A 549 -15.46 5.66 -11.96
CA SER A 549 -14.45 5.26 -11.00
C SER A 549 -15.01 4.89 -9.63
N LEU A 550 -16.31 4.75 -9.49
CA LEU A 550 -16.89 4.51 -8.16
C LEU A 550 -16.52 3.12 -7.61
N GLU A 551 -16.04 3.08 -6.37
CA GLU A 551 -15.73 1.81 -5.72
C GLU A 551 -16.76 1.52 -4.63
N ALA A 552 -17.21 2.59 -3.96
CA ALA A 552 -18.16 2.49 -2.86
C ALA A 552 -19.29 3.49 -3.08
N LEU A 553 -20.52 3.01 -3.05
CA LEU A 553 -21.71 3.86 -3.18
C LEU A 553 -22.73 3.44 -2.14
N ASP A 554 -22.80 4.18 -1.04
CA ASP A 554 -23.77 3.89 0.01
C ASP A 554 -24.84 4.95 0.10
N LEU A 555 -26.07 4.57 -0.22
CA LEU A 555 -27.22 5.46 -0.17
C LEU A 555 -28.23 4.96 0.85
N SER A 556 -27.81 4.06 1.70
CA SER A 556 -28.74 3.39 2.58
C SER A 556 -29.30 4.32 3.61
N ASN A 557 -30.42 3.92 4.18
CA ASN A 557 -31.10 4.70 5.18
C ASN A 557 -31.50 6.10 4.83
N ASN A 558 -32.17 6.26 3.71
CA ASN A 558 -32.77 7.52 3.35
C ASN A 558 -34.26 7.40 3.08
N ARG A 559 -34.79 8.33 2.31
CA ARG A 559 -36.20 8.33 1.93
C ARG A 559 -36.41 8.23 0.42
N LEU A 560 -35.48 7.62 -0.28
CA LEU A 560 -35.52 7.56 -1.73
C LEU A 560 -36.63 6.70 -2.31
N SER A 561 -37.07 7.05 -3.51
CA SER A 561 -38.20 6.40 -4.14
C SER A 561 -37.83 6.05 -5.56
N GLY A 562 -38.63 5.18 -6.17
CA GLY A 562 -38.40 4.80 -7.55
C GLY A 562 -37.57 3.54 -7.64
N SER A 563 -37.12 3.21 -8.85
CA SER A 563 -36.31 2.02 -9.03
C SER A 563 -34.81 2.33 -9.03
N ILE A 564 -34.02 1.28 -8.82
CA ILE A 564 -32.57 1.36 -8.95
C ILE A 564 -32.26 1.42 -10.44
N PRO A 565 -31.57 2.47 -10.89
CA PRO A 565 -31.40 2.63 -12.33
C PRO A 565 -30.60 1.45 -12.85
N VAL A 566 -31.08 0.86 -13.93
CA VAL A 566 -30.49 -0.35 -14.44
C VAL A 566 -29.12 -0.05 -15.08
N SER A 567 -28.81 1.24 -15.20
CA SER A 567 -27.54 1.70 -15.77
C SER A 567 -26.39 1.54 -14.78
N LEU A 568 -26.71 1.38 -13.51
CA LEU A 568 -25.67 1.23 -12.48
C LEU A 568 -24.80 -0.02 -12.71
N GLN A 569 -25.31 -0.97 -13.49
CA GLN A 569 -24.56 -2.16 -13.85
C GLN A 569 -23.24 -1.84 -14.56
N GLN A 570 -23.20 -0.72 -15.28
CA GLN A 570 -21.97 -0.24 -15.94
C GLN A 570 -20.86 0.15 -14.95
N LEU A 571 -21.19 0.25 -13.67
CA LEU A 571 -20.18 0.61 -12.68
C LEU A 571 -19.34 -0.61 -12.28
N SER A 572 -18.24 -0.83 -12.99
CA SER A 572 -17.49 -2.10 -12.87
C SER A 572 -16.45 -2.16 -11.76
N PHE A 573 -16.12 -1.02 -11.16
CA PHE A 573 -15.21 -1.00 -10.02
C PHE A 573 -16.00 -1.05 -8.73
N LEU A 574 -17.31 -0.86 -8.83
CA LEU A 574 -18.18 -0.77 -7.66
C LEU A 574 -18.12 -2.02 -6.78
N SER A 575 -17.41 -1.99 -5.66
CA SER A 575 -17.37 -3.17 -4.79
C SER A 575 -18.23 -3.05 -3.53
N LYS A 576 -18.47 -1.81 -3.10
CA LYS A 576 -19.28 -1.55 -1.93
C LYS A 576 -20.54 -0.79 -2.36
N PHE A 577 -21.72 -1.35 -2.05
CA PHE A 577 -22.98 -0.76 -2.50
C PHE A 577 -24.17 -1.03 -1.57
N SER A 578 -24.83 0.00 -1.08
CA SER A 578 -26.06 -0.20 -0.29
C SER A 578 -27.12 0.81 -0.61
N VAL A 579 -28.35 0.35 -0.73
CA VAL A 579 -29.51 1.24 -0.77
C VAL A 579 -30.56 0.72 0.20
N ALA A 580 -30.12 -0.06 1.17
CA ALA A 580 -31.00 -0.62 2.20
C ALA A 580 -31.73 0.50 2.95
N TYR A 581 -32.88 0.18 3.49
CA TYR A 581 -33.69 1.11 4.23
C TYR A 581 -34.07 2.40 3.54
N ASN A 582 -34.62 2.26 2.35
CA ASN A 582 -35.25 3.36 1.64
C ASN A 582 -36.68 2.97 1.28
N ASN A 583 -37.24 3.66 0.31
CA ASN A 583 -38.57 3.40 -0.22
C ASN A 583 -38.57 2.94 -1.66
N LEU A 584 -37.50 2.30 -2.10
CA LEU A 584 -37.37 1.85 -3.47
C LEU A 584 -38.16 0.63 -3.86
N SER A 585 -38.56 0.61 -5.13
CA SER A 585 -39.33 -0.50 -5.70
C SER A 585 -38.87 -0.87 -7.11
N GLY A 586 -39.05 -2.13 -7.48
CA GLY A 586 -38.68 -2.60 -8.81
C GLY A 586 -37.82 -3.85 -8.73
N VAL A 587 -37.05 -4.10 -9.76
CA VAL A 587 -36.24 -5.29 -9.77
C VAL A 587 -34.80 -5.00 -9.42
N ILE A 588 -34.25 -5.79 -8.52
CA ILE A 588 -32.83 -5.70 -8.21
C ILE A 588 -32.06 -6.04 -9.47
N PRO A 589 -31.24 -5.12 -9.95
CA PRO A 589 -30.48 -5.33 -11.18
C PRO A 589 -29.55 -6.50 -11.03
N SER A 590 -29.32 -7.22 -12.11
CA SER A 590 -28.55 -8.45 -11.99
C SER A 590 -27.29 -8.43 -12.83
N GLY A 591 -26.37 -9.30 -12.48
CA GLY A 591 -25.09 -9.33 -13.16
C GLY A 591 -24.35 -8.00 -13.09
N GLY A 592 -23.35 -7.84 -13.95
CA GLY A 592 -22.42 -6.76 -13.82
C GLY A 592 -21.83 -6.96 -12.46
N GLN A 593 -21.72 -5.90 -11.70
CA GLN A 593 -21.24 -6.02 -10.34
C GLN A 593 -22.26 -6.50 -9.29
N PHE A 594 -23.56 -6.43 -9.61
CA PHE A 594 -24.61 -6.54 -8.59
C PHE A 594 -24.77 -7.87 -7.83
N GLN A 595 -24.50 -9.01 -8.45
CA GLN A 595 -24.68 -10.27 -7.72
C GLN A 595 -23.52 -10.54 -6.75
N THR A 596 -22.54 -9.65 -6.71
CA THR A 596 -21.50 -9.72 -5.68
C THR A 596 -21.86 -8.93 -4.41
N PHE A 597 -22.97 -8.19 -4.46
CA PHE A 597 -23.44 -7.44 -3.29
C PHE A 597 -24.28 -8.34 -2.38
N PRO A 598 -24.17 -8.15 -1.06
CA PRO A 598 -24.85 -9.06 -0.13
C PRO A 598 -26.35 -8.79 -0.08
N ASN A 599 -27.14 -9.71 0.47
CA ASN A 599 -28.59 -9.51 0.64
C ASN A 599 -28.85 -8.18 1.35
N SER A 600 -27.99 -7.88 2.30
CA SER A 600 -28.11 -6.70 3.16
C SER A 600 -28.19 -5.40 2.37
N SER A 601 -27.66 -5.40 1.16
CA SER A 601 -27.57 -4.17 0.38
C SER A 601 -28.92 -3.69 -0.11
N PHE A 602 -29.91 -4.57 -0.08
CA PHE A 602 -31.22 -4.26 -0.65
C PHE A 602 -32.38 -4.43 0.34
N GLU A 603 -32.08 -4.77 1.58
CA GLU A 603 -33.10 -5.13 2.55
C GLU A 603 -33.91 -3.90 2.95
N SER A 604 -35.10 -4.14 3.49
CA SER A 604 -36.01 -3.07 3.87
C SER A 604 -36.31 -2.14 2.69
N ASN A 605 -36.87 -2.71 1.63
CA ASN A 605 -37.42 -1.94 0.53
C ASN A 605 -38.57 -2.73 -0.04
N HIS A 606 -39.10 -2.28 -1.17
CA HIS A 606 -40.06 -3.06 -1.93
C HIS A 606 -39.38 -3.58 -3.18
N LEU A 607 -38.18 -4.16 -3.02
CA LEU A 607 -37.35 -4.59 -4.14
C LEU A 607 -37.48 -6.08 -4.44
N CYS A 608 -37.75 -6.39 -5.70
CA CYS A 608 -37.90 -7.78 -6.13
C CYS A 608 -36.63 -8.34 -6.78
N GLY A 609 -36.27 -9.55 -6.37
CA GLY A 609 -35.11 -10.20 -6.93
C GLY A 609 -35.49 -11.37 -7.82
N GLU A 610 -34.55 -12.28 -7.99
CA GLU A 610 -34.74 -13.44 -8.85
C GLU A 610 -34.25 -14.66 -8.10
N HIS A 611 -33.14 -14.50 -7.36
CA HIS A 611 -32.60 -15.55 -6.50
C HIS A 611 -32.75 -15.14 -5.04
N ARG A 612 -32.78 -13.83 -4.81
CA ARG A 612 -32.94 -13.26 -3.48
C ARG A 612 -34.08 -12.24 -3.48
N PHE A 613 -34.92 -12.28 -2.45
CA PHE A 613 -36.10 -11.39 -2.32
C PHE A 613 -37.21 -11.61 -3.35
N PRO A 614 -37.92 -12.76 -3.30
CA PRO A 614 -39.05 -13.00 -4.23
C PRO A 614 -40.22 -12.02 -4.09
N CYS A 615 -41.16 -12.07 -5.04
CA CYS A 615 -42.29 -11.12 -5.03
C CYS A 615 -43.66 -11.67 -5.46
N SER A 616 -44.70 -10.90 -5.17
CA SER A 616 -46.08 -11.30 -5.43
C SER A 616 -46.77 -10.32 -6.36
N ALA B 26 -0.75 -9.47 6.08
CA ALA B 26 -0.97 -9.72 4.67
C ALA B 26 0.20 -9.24 3.80
N ASN B 27 1.41 -9.28 4.35
CA ASN B 27 2.60 -9.01 3.55
C ASN B 27 2.83 -10.09 2.48
N LEU B 28 2.45 -11.34 2.77
CA LEU B 28 2.49 -12.37 1.73
C LEU B 28 1.40 -12.17 0.68
N GLU B 29 0.20 -11.81 1.13
CA GLU B 29 -0.89 -11.58 0.19
C GLU B 29 -0.62 -10.35 -0.66
N GLY B 30 -0.03 -9.34 -0.03
CA GLY B 30 0.42 -8.16 -0.75
C GLY B 30 1.47 -8.50 -1.78
N ASP B 31 2.31 -9.48 -1.49
CA ASP B 31 3.33 -9.91 -2.44
C ASP B 31 2.71 -10.63 -3.64
N ALA B 32 1.77 -11.53 -3.38
CA ALA B 32 1.09 -12.23 -4.47
C ALA B 32 0.44 -11.23 -5.44
N LEU B 33 -0.26 -10.23 -4.91
CA LEU B 33 -0.90 -9.25 -5.79
C LEU B 33 0.11 -8.36 -6.52
N HIS B 34 1.26 -8.10 -5.91
CA HIS B 34 2.25 -7.31 -6.64
C HIS B 34 2.86 -8.07 -7.81
N THR B 35 3.03 -9.36 -7.68
CA THR B 35 3.48 -10.09 -8.84
C THR B 35 2.42 -9.98 -9.91
N LEU B 36 1.15 -10.10 -9.53
CA LEU B 36 0.07 -10.01 -10.51
C LEU B 36 0.05 -8.64 -11.21
N ARG B 37 0.34 -7.57 -10.49
CA ARG B 37 0.48 -6.27 -11.15
C ARG B 37 1.65 -6.19 -12.12
N VAL B 38 2.82 -6.66 -11.74
CA VAL B 38 3.95 -6.57 -12.64
C VAL B 38 3.76 -7.35 -13.91
N THR B 39 3.22 -8.54 -13.79
CA THR B 39 2.87 -9.28 -14.98
C THR B 39 1.76 -8.65 -15.81
N LEU B 40 0.71 -8.11 -15.20
CA LEU B 40 -0.32 -7.44 -16.00
C LEU B 40 0.15 -6.12 -16.63
N VAL B 41 -0.48 -5.76 -17.75
CA VAL B 41 -0.20 -4.53 -18.45
C VAL B 41 -1.29 -3.53 -18.15
N ASP B 42 -0.91 -2.36 -17.65
CA ASP B 42 -1.88 -1.42 -17.09
C ASP B 42 -1.77 -0.02 -17.69
N PRO B 43 -2.37 0.19 -18.87
CA PRO B 43 -2.33 1.51 -19.54
C PRO B 43 -3.01 2.63 -18.76
N ASN B 44 -4.11 2.35 -18.07
CA ASN B 44 -4.85 3.40 -17.37
C ASN B 44 -4.36 3.69 -15.97
N ASN B 45 -3.39 2.92 -15.49
CA ASN B 45 -2.88 3.05 -14.13
C ASN B 45 -3.91 2.76 -13.04
N VAL B 46 -4.71 1.72 -13.24
CA VAL B 46 -5.68 1.32 -12.23
C VAL B 46 -4.95 0.75 -11.01
N LEU B 47 -3.82 0.10 -11.25
CA LEU B 47 -3.07 -0.53 -10.17
C LEU B 47 -2.01 0.40 -9.60
N GLN B 48 -2.05 1.67 -10.00
CA GLN B 48 -1.07 2.65 -9.55
C GLN B 48 -0.88 2.75 -8.03
N SER B 49 -1.92 2.43 -7.26
CA SER B 49 -1.81 2.56 -5.81
C SER B 49 -1.36 1.25 -5.19
N TRP B 50 -1.15 0.23 -6.02
CA TRP B 50 -0.70 -1.06 -5.50
C TRP B 50 0.75 -0.97 -5.07
N ASP B 51 0.94 -0.48 -3.85
CA ASP B 51 2.26 -0.22 -3.31
C ASP B 51 2.69 -1.32 -2.33
N PRO B 52 3.75 -2.07 -2.66
CA PRO B 52 4.18 -3.26 -1.90
C PRO B 52 5.05 -3.00 -0.67
N THR B 53 5.46 -1.75 -0.46
CA THR B 53 6.20 -1.38 0.75
C THR B 53 5.26 -1.25 1.95
N LEU B 54 3.98 -1.52 1.76
CA LEU B 54 2.99 -1.45 2.84
C LEU B 54 2.86 -2.83 3.47
N VAL B 55 2.47 -2.89 4.73
CA VAL B 55 2.36 -4.17 5.42
C VAL B 55 1.16 -4.97 4.95
N ASN B 56 0.33 -4.40 4.08
CA ASN B 56 -0.74 -5.18 3.43
C ASN B 56 -1.35 -4.42 2.28
N PRO B 57 -2.12 -5.10 1.42
CA PRO B 57 -2.69 -4.37 0.29
C PRO B 57 -4.05 -3.73 0.63
N CYS B 58 -4.38 -3.65 1.92
CA CYS B 58 -5.69 -3.17 2.37
C CYS B 58 -6.11 -1.75 1.94
N THR B 59 -5.15 -0.84 1.73
CA THR B 59 -5.49 0.48 1.19
C THR B 59 -5.26 0.60 -0.31
N TRP B 60 -5.14 -0.52 -1.00
CA TRP B 60 -4.95 -0.48 -2.44
C TRP B 60 -6.32 -0.36 -3.10
N PHE B 61 -6.45 0.60 -4.00
CA PHE B 61 -7.70 0.75 -4.75
C PHE B 61 -8.01 -0.56 -5.48
N HIS B 62 -9.29 -0.90 -5.57
CA HIS B 62 -9.80 -2.10 -6.24
C HIS B 62 -9.55 -3.39 -5.50
N VAL B 63 -9.18 -3.28 -4.22
CA VAL B 63 -8.91 -4.43 -3.37
C VAL B 63 -9.58 -4.26 -2.00
N THR B 64 -10.43 -5.22 -1.64
CA THR B 64 -11.15 -5.15 -0.38
C THR B 64 -10.63 -6.19 0.60
N CYS B 65 -10.18 -5.74 1.77
CA CYS B 65 -9.75 -6.65 2.84
C CYS B 65 -10.89 -6.82 3.82
N ASN B 66 -10.80 -7.80 4.70
CA ASN B 66 -11.82 -7.96 5.73
C ASN B 66 -11.37 -7.45 7.11
N ASN B 67 -12.11 -7.83 8.16
CA ASN B 67 -11.81 -7.39 9.52
C ASN B 67 -10.48 -7.90 10.09
N GLU B 68 -9.82 -8.81 9.36
CA GLU B 68 -8.51 -9.31 9.77
C GLU B 68 -7.42 -8.95 8.76
N ASN B 69 -7.70 -7.97 7.91
CA ASN B 69 -6.77 -7.53 6.86
C ASN B 69 -6.34 -8.64 5.89
N SER B 70 -7.24 -9.56 5.62
CA SER B 70 -7.01 -10.56 4.57
C SER B 70 -7.86 -10.17 3.36
N VAL B 71 -7.29 -10.27 2.16
CA VAL B 71 -8.01 -9.90 0.93
C VAL B 71 -9.23 -10.80 0.67
N ILE B 72 -10.38 -10.19 0.39
CA ILE B 72 -11.59 -10.95 0.05
C ILE B 72 -12.13 -10.62 -1.35
N ARG B 73 -11.76 -9.46 -1.88
CA ARG B 73 -12.23 -9.05 -3.20
C ARG B 73 -11.09 -8.42 -3.99
N VAL B 74 -11.02 -8.75 -5.28
CA VAL B 74 -10.28 -7.94 -6.23
C VAL B 74 -11.25 -7.55 -7.33
N ASP B 75 -11.49 -6.25 -7.47
CA ASP B 75 -12.55 -5.78 -8.38
C ASP B 75 -12.00 -5.02 -9.57
N LEU B 76 -11.55 -5.74 -10.59
CA LEU B 76 -10.84 -5.13 -11.72
C LEU B 76 -11.54 -5.28 -13.06
N GLY B 77 -12.84 -5.49 -13.05
CA GLY B 77 -13.58 -5.63 -14.30
C GLY B 77 -13.53 -4.36 -15.12
N ASN B 78 -13.61 -4.52 -16.44
CA ASN B 78 -13.59 -3.40 -17.38
C ASN B 78 -12.51 -2.35 -17.13
N ALA B 79 -11.30 -2.80 -16.82
CA ALA B 79 -10.23 -1.90 -16.44
C ALA B 79 -9.09 -1.78 -17.46
N GLU B 80 -9.35 -2.24 -18.67
CA GLU B 80 -8.41 -2.14 -19.78
C GLU B 80 -7.10 -2.80 -19.47
N LEU B 81 -7.16 -3.90 -18.77
CA LEU B 81 -5.99 -4.69 -18.44
C LEU B 81 -5.69 -5.73 -19.51
N SER B 82 -4.41 -6.08 -19.62
CA SER B 82 -3.98 -7.18 -20.47
C SER B 82 -2.80 -7.87 -19.80
N GLY B 83 -2.02 -8.63 -20.55
CA GLY B 83 -1.01 -9.45 -19.94
C GLY B 83 -1.58 -10.82 -19.62
N HIS B 84 -1.15 -11.41 -18.52
CA HIS B 84 -1.70 -12.69 -18.11
C HIS B 84 -1.66 -12.88 -16.60
N LEU B 85 -2.40 -13.84 -16.10
CA LEU B 85 -2.55 -14.05 -14.66
C LEU B 85 -1.34 -14.78 -14.14
N VAL B 86 -1.27 -15.00 -12.83
CA VAL B 86 -0.11 -15.67 -12.26
C VAL B 86 -0.56 -16.72 -11.25
N PRO B 87 0.23 -17.80 -11.08
CA PRO B 87 -0.03 -18.82 -10.05
C PRO B 87 -0.18 -18.24 -8.64
N GLU B 88 0.43 -17.08 -8.41
CA GLU B 88 0.47 -16.41 -7.10
C GLU B 88 -0.91 -16.09 -6.55
N LEU B 89 -1.89 -15.92 -7.45
CA LEU B 89 -3.26 -15.65 -7.07
C LEU B 89 -3.81 -16.66 -6.06
N GLY B 90 -3.23 -17.85 -6.03
CA GLY B 90 -3.66 -18.91 -5.12
C GLY B 90 -3.23 -18.73 -3.68
N VAL B 91 -2.42 -17.71 -3.43
CA VAL B 91 -2.00 -17.35 -2.08
C VAL B 91 -3.14 -16.70 -1.28
N LEU B 92 -4.04 -16.01 -1.99
CA LEU B 92 -5.14 -15.30 -1.36
C LEU B 92 -6.17 -16.28 -0.79
N LYS B 93 -5.82 -16.92 0.30
CA LYS B 93 -6.64 -17.94 0.96
C LYS B 93 -8.09 -17.55 1.27
N ASN B 94 -8.35 -16.26 1.51
CA ASN B 94 -9.70 -15.82 1.84
C ASN B 94 -10.44 -15.13 0.69
N LEU B 95 -9.90 -15.19 -0.51
CA LEU B 95 -10.48 -14.49 -1.64
C LEU B 95 -11.85 -15.03 -1.95
N GLN B 96 -12.85 -14.14 -2.00
CA GLN B 96 -14.24 -14.53 -2.21
C GLN B 96 -14.81 -14.05 -3.55
N TYR B 97 -14.33 -12.90 -4.03
CA TYR B 97 -14.78 -12.38 -5.32
C TYR B 97 -13.58 -11.96 -6.18
N LEU B 98 -13.47 -12.60 -7.35
CA LEU B 98 -12.44 -12.26 -8.32
C LEU B 98 -13.09 -11.76 -9.61
N GLU B 99 -13.01 -10.46 -9.82
CA GLU B 99 -13.72 -9.80 -10.89
C GLU B 99 -12.72 -9.20 -11.84
N LEU B 100 -12.43 -9.93 -12.91
CA LEU B 100 -11.46 -9.49 -13.92
C LEU B 100 -12.08 -9.50 -15.32
N TYR B 101 -13.42 -9.57 -15.37
CA TYR B 101 -14.13 -9.57 -16.66
C TYR B 101 -13.85 -8.31 -17.48
N SER B 102 -14.19 -8.38 -18.76
CA SER B 102 -14.06 -7.25 -19.69
C SER B 102 -12.68 -6.60 -19.69
N ASN B 103 -11.66 -7.43 -19.86
CA ASN B 103 -10.31 -6.95 -20.04
C ASN B 103 -9.74 -7.67 -21.25
N ASN B 104 -8.46 -7.50 -21.50
CA ASN B 104 -7.82 -8.16 -22.64
C ASN B 104 -6.75 -9.14 -22.15
N ILE B 105 -7.01 -9.75 -21.00
CA ILE B 105 -6.12 -10.72 -20.37
C ILE B 105 -5.99 -12.01 -21.18
N THR B 106 -4.75 -12.48 -21.37
CA THR B 106 -4.50 -13.72 -22.13
C THR B 106 -3.73 -14.78 -21.33
N GLY B 107 -3.34 -15.83 -22.03
CA GLY B 107 -2.70 -16.96 -21.40
C GLY B 107 -3.77 -17.90 -20.85
N PRO B 108 -3.36 -18.81 -19.95
CA PRO B 108 -4.27 -19.79 -19.38
C PRO B 108 -4.84 -19.37 -18.02
N ILE B 109 -5.78 -20.14 -17.54
CA ILE B 109 -6.37 -19.91 -16.26
C ILE B 109 -5.56 -20.71 -15.31
N PRO B 110 -4.89 -20.03 -14.43
CA PRO B 110 -4.02 -20.70 -13.44
C PRO B 110 -4.81 -21.68 -12.56
N SER B 111 -4.38 -22.93 -12.49
CA SER B 111 -5.12 -23.94 -11.73
C SER B 111 -4.87 -23.88 -10.23
N ASN B 112 -4.07 -22.94 -9.78
CA ASN B 112 -4.01 -22.69 -8.36
C ASN B 112 -5.38 -22.22 -7.94
N LEU B 113 -5.99 -21.46 -8.83
CA LEU B 113 -7.32 -20.92 -8.53
C LEU B 113 -8.15 -21.92 -7.74
N GLY B 114 -7.94 -23.22 -7.99
CA GLY B 114 -8.66 -24.26 -7.28
C GLY B 114 -8.34 -24.36 -5.79
N ASP B 115 -7.35 -23.60 -5.36
CA ASP B 115 -7.01 -23.56 -3.95
C ASP B 115 -7.79 -22.46 -3.27
N LEU B 116 -8.25 -21.51 -4.05
CA LEU B 116 -9.04 -20.40 -3.54
C LEU B 116 -10.42 -20.92 -3.17
N THR B 117 -10.45 -21.80 -2.19
CA THR B 117 -11.66 -22.50 -1.78
C THR B 117 -12.81 -21.58 -1.38
N ASN B 118 -12.48 -20.47 -0.72
CA ASN B 118 -13.50 -19.55 -0.24
C ASN B 118 -14.19 -18.77 -1.34
N LEU B 119 -13.70 -18.93 -2.57
CA LEU B 119 -14.25 -18.20 -3.70
C LEU B 119 -15.75 -18.46 -3.89
N VAL B 120 -16.51 -17.36 -3.94
CA VAL B 120 -17.92 -17.43 -4.33
C VAL B 120 -18.12 -16.95 -5.78
N SER B 121 -17.27 -16.04 -6.25
CA SER B 121 -17.39 -15.55 -7.63
C SER B 121 -16.09 -15.54 -8.44
N LEU B 122 -16.07 -16.28 -9.55
CA LEU B 122 -14.98 -16.19 -10.52
C LEU B 122 -15.51 -15.60 -11.83
N ASP B 123 -15.23 -14.32 -12.05
CA ASP B 123 -15.72 -13.62 -13.23
C ASP B 123 -14.61 -13.22 -14.19
N LEU B 124 -14.34 -14.08 -15.17
CA LEU B 124 -13.26 -13.87 -16.13
C LEU B 124 -13.78 -13.83 -17.57
N TYR B 125 -15.08 -13.57 -17.72
CA TYR B 125 -15.71 -13.44 -19.04
C TYR B 125 -15.27 -12.19 -19.78
N LEU B 126 -15.42 -12.18 -21.11
CA LEU B 126 -14.93 -11.09 -21.96
C LEU B 126 -13.43 -10.83 -21.80
N ASN B 127 -12.65 -11.89 -21.90
CA ASN B 127 -11.21 -11.80 -22.00
C ASN B 127 -10.75 -12.70 -23.13
N SER B 128 -9.44 -12.93 -23.25
CA SER B 128 -8.91 -13.88 -24.22
C SER B 128 -8.09 -15.00 -23.58
N PHE B 129 -8.58 -15.53 -22.45
CA PHE B 129 -7.99 -16.72 -21.84
C PHE B 129 -7.99 -17.90 -22.83
N SER B 130 -6.94 -18.70 -22.77
CA SER B 130 -6.70 -19.83 -23.68
C SER B 130 -6.48 -21.08 -22.91
N GLY B 131 -6.51 -22.20 -23.60
CA GLY B 131 -6.22 -23.48 -23.00
C GLY B 131 -7.46 -24.02 -22.33
N PRO B 132 -7.27 -24.88 -21.32
CA PRO B 132 -8.41 -25.57 -20.72
C PRO B 132 -8.96 -24.89 -19.46
N ILE B 133 -10.16 -25.31 -19.07
CA ILE B 133 -10.70 -25.02 -17.76
C ILE B 133 -10.04 -26.03 -16.82
N PRO B 134 -9.26 -25.54 -15.86
CA PRO B 134 -8.58 -26.40 -14.88
C PRO B 134 -9.56 -27.28 -14.12
N GLU B 135 -9.19 -28.52 -13.91
CA GLU B 135 -10.00 -29.49 -13.20
C GLU B 135 -10.06 -29.20 -11.73
N SER B 136 -9.20 -28.31 -11.28
CA SER B 136 -9.11 -27.94 -9.88
C SER B 136 -10.22 -26.98 -9.45
N LEU B 137 -11.03 -26.53 -10.42
CA LEU B 137 -12.16 -25.65 -10.10
C LEU B 137 -13.24 -26.38 -9.31
N GLY B 138 -13.36 -27.69 -9.53
CA GLY B 138 -14.26 -28.52 -8.75
C GLY B 138 -13.98 -28.52 -7.25
N LYS B 139 -12.85 -27.95 -6.85
CA LYS B 139 -12.49 -27.82 -5.43
C LYS B 139 -13.09 -26.56 -4.81
N LEU B 140 -13.67 -25.71 -5.65
CA LEU B 140 -14.29 -24.48 -5.19
C LEU B 140 -15.72 -24.75 -4.71
N SER B 141 -15.83 -25.39 -3.56
CA SER B 141 -17.10 -25.90 -3.08
C SER B 141 -18.09 -24.81 -2.70
N LYS B 142 -17.60 -23.61 -2.39
CA LYS B 142 -18.49 -22.54 -1.98
C LYS B 142 -18.86 -21.61 -3.15
N LEU B 143 -18.46 -21.99 -4.36
CA LEU B 143 -18.70 -21.17 -5.55
C LEU B 143 -20.17 -21.13 -5.98
N ARG B 144 -20.64 -19.95 -6.38
CA ARG B 144 -22.03 -19.75 -6.82
C ARG B 144 -22.11 -19.23 -8.25
N PHE B 145 -21.13 -18.41 -8.61
CA PHE B 145 -21.05 -17.78 -9.92
C PHE B 145 -19.77 -18.17 -10.63
N LEU B 146 -19.89 -18.92 -11.72
CA LEU B 146 -18.75 -19.21 -12.58
C LEU B 146 -19.02 -18.71 -13.98
N ARG B 147 -18.46 -17.56 -14.32
CA ARG B 147 -18.71 -16.97 -15.63
C ARG B 147 -17.43 -16.79 -16.42
N LEU B 148 -17.25 -17.68 -17.39
CA LEU B 148 -16.03 -17.78 -18.19
C LEU B 148 -16.32 -17.67 -19.67
N ASN B 149 -17.34 -16.90 -20.02
CA ASN B 149 -17.80 -16.84 -21.40
C ASN B 149 -17.09 -15.73 -22.19
N ASN B 150 -17.24 -15.75 -23.51
CA ASN B 150 -16.46 -14.87 -24.39
C ASN B 150 -14.94 -14.90 -24.13
N ASN B 151 -14.39 -16.10 -24.09
CA ASN B 151 -12.95 -16.33 -24.05
C ASN B 151 -12.55 -17.30 -25.16
N SER B 152 -11.32 -17.82 -25.08
CA SER B 152 -10.85 -18.80 -26.08
C SER B 152 -10.57 -20.20 -25.54
N LEU B 153 -11.27 -20.59 -24.49
CA LEU B 153 -11.08 -21.89 -23.85
C LEU B 153 -11.34 -23.05 -24.80
N THR B 154 -10.58 -24.12 -24.63
CA THR B 154 -10.70 -25.35 -25.42
C THR B 154 -10.78 -26.54 -24.47
N GLY B 155 -11.04 -27.74 -25.00
CA GLY B 155 -11.06 -28.93 -24.18
C GLY B 155 -12.42 -29.28 -23.58
N SER B 156 -12.44 -30.22 -22.64
CA SER B 156 -13.69 -30.63 -22.02
C SER B 156 -14.05 -29.76 -20.80
N ILE B 157 -15.29 -29.95 -20.33
CA ILE B 157 -15.78 -29.32 -19.10
C ILE B 157 -15.52 -30.26 -17.92
N PRO B 158 -14.68 -29.83 -16.97
CA PRO B 158 -14.34 -30.62 -15.79
C PRO B 158 -15.56 -31.18 -15.08
N MET B 159 -15.70 -32.50 -15.04
CA MET B 159 -16.75 -33.12 -14.23
C MET B 159 -16.62 -32.97 -12.69
N SER B 160 -15.59 -32.31 -12.24
CA SER B 160 -15.54 -31.90 -10.88
C SER B 160 -16.66 -30.90 -10.67
N LEU B 161 -16.85 -30.05 -11.67
CA LEU B 161 -17.71 -28.87 -11.58
C LEU B 161 -19.06 -29.24 -11.00
N THR B 162 -19.61 -30.37 -11.42
CA THR B 162 -20.86 -30.91 -10.87
C THR B 162 -20.83 -31.08 -9.35
N GLN B 163 -19.68 -31.30 -8.78
CA GLN B 163 -19.60 -31.55 -7.36
C GLN B 163 -20.00 -30.33 -6.52
N ILE B 164 -19.90 -29.14 -7.11
CA ILE B 164 -20.17 -27.90 -6.40
C ILE B 164 -21.67 -27.72 -6.12
N THR B 165 -22.09 -27.94 -4.89
CA THR B 165 -23.49 -27.83 -4.54
C THR B 165 -24.04 -26.42 -4.71
N THR B 166 -23.19 -25.42 -4.52
CA THR B 166 -23.63 -24.04 -4.44
C THR B 166 -23.66 -23.26 -5.76
N LEU B 167 -23.40 -23.93 -6.87
CA LEU B 167 -23.38 -23.25 -8.17
C LEU B 167 -24.79 -22.75 -8.59
N GLN B 168 -24.89 -21.46 -8.91
CA GLN B 168 -26.16 -20.85 -9.32
C GLN B 168 -26.13 -20.36 -10.77
N VAL B 169 -25.10 -19.58 -11.09
CA VAL B 169 -24.93 -18.98 -12.42
C VAL B 169 -23.71 -19.61 -13.08
N LEU B 170 -23.86 -20.00 -14.33
CA LEU B 170 -22.79 -20.62 -15.08
C LEU B 170 -22.82 -20.21 -16.53
N ASP B 171 -21.82 -19.46 -16.99
CA ASP B 171 -21.75 -19.10 -18.41
C ASP B 171 -20.44 -19.57 -19.06
N LEU B 172 -20.55 -20.57 -19.93
CA LEU B 172 -19.38 -21.09 -20.64
C LEU B 172 -19.49 -20.81 -22.14
N SER B 173 -20.49 -20.03 -22.52
CA SER B 173 -20.78 -19.80 -23.93
C SER B 173 -19.67 -19.01 -24.64
N ASN B 174 -19.71 -19.03 -25.97
CA ASN B 174 -18.79 -18.28 -26.82
C ASN B 174 -17.34 -18.63 -26.55
N ASN B 175 -17.07 -19.93 -26.50
CA ASN B 175 -15.72 -20.45 -26.39
C ASN B 175 -15.50 -21.46 -27.49
N ARG B 176 -14.41 -22.21 -27.40
CA ARG B 176 -14.11 -23.28 -28.34
C ARG B 176 -13.97 -24.59 -27.56
N LEU B 177 -14.96 -24.88 -26.73
CA LEU B 177 -14.97 -26.10 -25.91
C LEU B 177 -15.53 -27.29 -26.67
N SER B 178 -15.51 -28.46 -26.04
CA SER B 178 -15.84 -29.73 -26.72
C SER B 178 -16.19 -30.81 -25.73
N GLY B 179 -16.94 -31.82 -26.18
CA GLY B 179 -17.19 -32.98 -25.37
C GLY B 179 -18.64 -33.11 -24.95
N SER B 180 -18.93 -34.14 -24.16
CA SER B 180 -20.27 -34.27 -23.60
C SER B 180 -20.37 -33.37 -22.37
N VAL B 181 -21.44 -32.57 -22.36
CA VAL B 181 -21.71 -31.63 -21.29
C VAL B 181 -22.46 -32.34 -20.18
N PRO B 182 -21.95 -32.26 -18.95
CA PRO B 182 -22.55 -32.94 -17.79
C PRO B 182 -23.96 -32.45 -17.51
N ASP B 183 -24.81 -33.34 -17.02
CA ASP B 183 -26.18 -32.99 -16.64
C ASP B 183 -26.56 -33.63 -15.31
N ASN B 184 -25.56 -34.13 -14.58
CA ASN B 184 -25.75 -34.62 -13.22
C ASN B 184 -25.35 -33.53 -12.23
N GLY B 185 -25.68 -33.72 -10.96
CA GLY B 185 -25.29 -32.79 -9.91
C GLY B 185 -25.91 -31.41 -10.09
N SER B 186 -25.10 -30.37 -9.92
CA SER B 186 -25.59 -29.01 -10.03
C SER B 186 -25.72 -28.53 -11.47
N PHE B 187 -25.38 -29.38 -12.43
CA PHE B 187 -25.52 -29.02 -13.84
C PHE B 187 -26.92 -29.32 -14.38
N SER B 188 -27.78 -29.86 -13.53
CA SER B 188 -29.16 -30.15 -13.92
C SER B 188 -29.98 -28.86 -14.07
N LEU B 189 -29.43 -27.77 -13.56
CA LEU B 189 -30.10 -26.48 -13.52
C LEU B 189 -29.75 -25.57 -14.71
N PHE B 190 -28.91 -26.03 -15.63
CA PHE B 190 -28.43 -25.15 -16.68
C PHE B 190 -29.01 -25.52 -18.05
N THR B 191 -29.01 -24.54 -18.96
CA THR B 191 -29.75 -24.60 -20.23
C THR B 191 -28.85 -24.09 -21.37
N PRO B 192 -29.26 -24.31 -22.64
CA PRO B 192 -28.48 -23.91 -23.82
C PRO B 192 -27.78 -22.54 -23.88
N ILE B 193 -28.31 -21.48 -23.28
CA ILE B 193 -27.61 -20.18 -23.34
C ILE B 193 -26.23 -20.19 -22.72
N SER B 194 -26.05 -21.07 -21.74
CA SER B 194 -24.82 -21.10 -20.95
C SER B 194 -23.68 -21.85 -21.65
N PHE B 195 -24.04 -22.72 -22.60
CA PHE B 195 -23.09 -23.53 -23.33
C PHE B 195 -23.10 -23.19 -24.82
N ALA B 196 -23.85 -22.18 -25.20
CA ALA B 196 -24.03 -21.86 -26.61
C ALA B 196 -22.72 -21.46 -27.30
N ASN B 197 -22.68 -21.60 -28.60
CA ASN B 197 -21.55 -21.22 -29.40
C ASN B 197 -20.20 -21.80 -29.05
N ASN B 198 -20.14 -23.10 -28.88
CA ASN B 198 -18.89 -23.79 -28.64
C ASN B 198 -18.49 -24.63 -29.84
N LEU B 199 -17.23 -24.98 -29.95
CA LEU B 199 -16.75 -25.65 -31.13
C LEU B 199 -17.39 -27.00 -31.41
N ASP B 200 -17.49 -27.85 -30.42
CA ASP B 200 -18.08 -29.15 -30.59
C ASP B 200 -18.58 -29.66 -29.28
N LEU B 201 -19.59 -29.01 -28.73
CA LEU B 201 -20.14 -29.45 -27.46
C LEU B 201 -21.27 -30.35 -27.76
N CYS B 202 -21.50 -31.34 -26.94
CA CYS B 202 -22.64 -32.13 -27.23
C CYS B 202 -23.35 -32.69 -26.03
N GLY B 203 -24.65 -32.88 -26.19
CA GLY B 203 -25.53 -33.36 -25.15
C GLY B 203 -26.90 -32.75 -25.37
N PRO B 204 -27.82 -33.06 -24.47
CA PRO B 204 -29.18 -32.57 -24.57
C PRO B 204 -29.18 -31.08 -24.52
N VAL B 205 -28.31 -30.55 -23.70
CA VAL B 205 -28.29 -29.15 -23.42
C VAL B 205 -27.79 -28.44 -24.64
N THR B 206 -27.47 -29.19 -25.66
CA THR B 206 -26.89 -28.57 -26.82
C THR B 206 -27.55 -28.91 -28.12
N SER B 207 -27.15 -28.18 -29.15
CA SER B 207 -27.64 -28.36 -30.50
C SER B 207 -27.34 -29.73 -31.08
N HIS B 208 -26.15 -30.26 -30.82
CA HIS B 208 -25.85 -31.58 -31.32
C HIS B 208 -26.05 -32.58 -30.22
N PRO B 209 -26.39 -33.79 -30.61
CA PRO B 209 -26.38 -34.95 -29.72
C PRO B 209 -24.98 -35.50 -29.69
N CYS B 210 -24.66 -36.31 -28.70
CA CYS B 210 -23.32 -36.85 -28.57
C CYS B 210 -23.11 -38.08 -29.41
N PRO B 211 -22.03 -38.13 -30.19
CA PRO B 211 -21.68 -39.39 -30.84
C PRO B 211 -21.16 -40.43 -29.87
N TYS C 1 -12.87 8.24 10.63
CA TYS C 1 -12.29 9.56 10.83
CB TYS C 1 -12.70 10.10 12.21
CG TYS C 1 -12.20 9.24 13.35
CD1 TYS C 1 -10.97 9.50 13.95
CD2 TYS C 1 -12.94 8.16 13.81
CE1 TYS C 1 -10.50 8.72 14.97
CE2 TYS C 1 -12.47 7.36 14.85
CZ TYS C 1 -11.24 7.64 15.43
OH TYS C 1 -10.78 6.90 16.41
S TYS C 1 -11.57 6.65 17.78
O1 TYS C 1 -12.53 5.54 17.55
O2 TYS C 1 -10.63 6.28 18.96
O3 TYS C 1 -12.29 7.96 18.14
C TYS C 1 -10.79 9.36 10.72
O TYS C 1 -10.30 8.28 11.04
N ILE C 2 -10.06 10.37 10.27
CA ILE C 2 -8.62 10.25 10.11
C ILE C 2 -7.90 10.72 11.37
N TYS C 3 -6.97 9.92 11.88
CA TYS C 3 -6.16 10.40 13.01
CB TYS C 3 -6.49 9.80 14.39
CG TYS C 3 -6.22 8.32 14.49
CD1 TYS C 3 -5.08 7.84 15.13
CD2 TYS C 3 -7.11 7.40 13.95
CE1 TYS C 3 -4.83 6.48 15.22
CE2 TYS C 3 -6.87 6.03 14.04
CZ TYS C 3 -5.72 5.59 14.68
OH TYS C 3 -5.49 4.30 14.74
S TYS C 3 -5.87 3.41 16.03
O1 TYS C 3 -4.89 3.72 17.18
O2 TYS C 3 -5.86 1.92 15.67
O3 TYS C 3 -7.25 3.77 16.40
C TYS C 3 -4.68 10.21 12.80
O TYS C 3 -4.18 9.68 11.80
N THR C 4 -3.94 10.66 13.80
CA THR C 4 -2.51 10.68 13.67
C THR C 4 -1.92 10.10 14.97
N GLN C 5 -0.80 9.40 14.89
CA GLN C 5 -0.22 8.84 16.13
C GLN C 5 1.29 8.88 16.22
C1 NAG D . 3.49 0.51 18.71
C2 NAG D . 3.00 -0.12 17.39
C3 NAG D . 2.27 -1.45 17.62
C4 NAG D . 3.03 -2.39 18.54
C5 NAG D . 3.40 -1.62 19.81
C6 NAG D . 4.20 -2.48 20.78
C7 NAG D . 2.50 1.61 15.70
C8 NAG D . 1.41 2.38 14.98
N2 NAG D . 2.11 0.76 16.66
O3 NAG D . 1.95 -2.05 16.38
O4 NAG D . 2.20 -3.50 18.87
O5 NAG D . 4.14 -0.44 19.53
O6 NAG D . 5.30 -3.02 20.09
O7 NAG D . 3.68 1.80 15.41
C1 NAG D . 2.66 -4.77 18.36
C2 NAG D . 2.13 -5.89 19.26
C3 NAG D . 2.39 -7.29 18.72
C4 NAG D . 2.07 -7.39 17.23
C5 NAG D . 2.79 -6.24 16.51
C6 NAG D . 2.61 -6.31 14.99
C7 NAG D . 1.97 -5.41 21.61
C8 NAG D . 2.61 -5.48 22.97
N2 NAG D . 2.72 -5.78 20.57
O3 NAG D . 1.63 -8.22 19.44
O4 NAG D . 2.46 -8.65 16.72
O5 NAG D . 2.31 -5.00 17.01
O6 NAG D . 1.57 -5.46 14.61
O7 NAG D . 0.81 -5.03 21.48
C1 NAG E . 22.68 -2.51 -10.37
C2 NAG E . 23.18 -1.30 -9.56
C3 NAG E . 22.08 -0.30 -9.18
C4 NAG E . 21.13 0.00 -10.33
C5 NAG E . 20.69 -1.36 -10.89
C6 NAG E . 19.58 -1.32 -11.94
C7 NAG E . 25.05 -1.37 -8.01
C8 NAG E . 25.55 -1.97 -6.73
N2 NAG E . 23.82 -1.77 -8.36
O3 NAG E . 22.69 0.89 -8.72
O4 NAG E . 20.04 0.77 -9.86
O5 NAG E . 21.83 -2.04 -11.40
O6 NAG E . 20.12 -1.18 -13.23
O7 NAG E . 25.74 -0.59 -8.68
C1 NAG F . 39.25 -17.55 2.90
C2 NAG F . 38.06 -18.28 3.48
C3 NAG F . 38.37 -19.74 3.84
C4 NAG F . 39.03 -20.41 2.64
C5 NAG F . 40.28 -19.61 2.29
C6 NAG F . 41.05 -20.28 1.15
C7 NAG F . 36.32 -17.64 5.06
C8 NAG F . 36.13 -17.46 6.53
N2 NAG F . 37.57 -17.54 4.63
O3 NAG F . 37.24 -20.50 4.18
O4 NAG F . 39.36 -21.73 2.98
O5 NAG F . 39.95 -18.29 1.91
O6 NAG F . 41.84 -19.27 0.56
O7 NAG F . 35.34 -17.87 4.35
C1 NAG G . 21.83 25.31 25.11
C2 NAG G . 22.63 25.55 26.40
C3 NAG G . 23.35 26.91 26.34
C4 NAG G . 24.29 26.85 25.12
C5 NAG G . 23.38 26.74 23.90
C6 NAG G . 24.21 26.66 22.64
C7 NAG G . 21.38 24.26 28.13
C8 NAG G . 20.73 24.37 29.49
N2 NAG G . 21.72 25.43 27.54
O3 NAG G . 23.96 27.25 27.58
O4 NAG G . 25.26 27.91 24.91
O5 NAG G . 22.59 25.57 23.95
O6 NAG G . 24.66 25.32 22.60
O7 NAG G . 21.54 23.14 27.66
C1 NAG H . -6.20 8.38 22.15
C2 NAG H . -6.13 6.96 21.57
C3 NAG H . -6.70 5.99 22.60
C4 NAG H . -6.09 6.19 23.98
C5 NAG H . -6.08 7.67 24.35
C6 NAG H . -5.41 7.95 25.69
C7 NAG H . -6.33 7.15 19.14
C8 NAG H . -7.22 6.98 17.93
N2 NAG H . -6.87 6.84 20.33
O3 NAG H . -6.50 4.66 22.15
O4 NAG H . -6.89 5.47 24.89
O5 NAG H . -5.44 8.43 23.35
O6 NAG H . -4.26 7.13 25.75
O7 NAG H . -5.17 7.57 19.00
C1 NAG I . -8.96 30.91 25.00
C2 NAG I . -9.82 31.46 26.14
C3 NAG I . -9.91 32.99 26.09
C4 NAG I . -8.48 33.54 26.09
C5 NAG I . -7.67 32.93 24.94
C6 NAG I . -6.23 33.47 24.88
C7 NAG I . -11.53 30.08 27.06
C8 NAG I . -13.02 29.92 27.27
N2 NAG I . -11.14 30.87 26.08
O3 NAG I . -10.70 33.54 27.13
O4 NAG I . -8.51 34.94 25.97
O5 NAG I . -7.68 31.51 25.01
O6 NAG I . -5.32 32.72 25.66
O7 NAG I . -10.71 29.51 27.80
C1 NAG J . -20.43 10.05 15.84
C2 NAG J . -20.44 8.53 15.96
C3 NAG J . -20.62 8.10 17.41
C4 NAG J . -19.57 8.77 18.29
C5 NAG J . -19.57 10.27 18.10
C6 NAG J . -18.38 10.88 18.84
C7 NAG J . -21.23 7.10 14.12
C8 NAG J . -22.35 6.17 13.74
N2 NAG J . -21.49 7.94 15.13
O3 NAG J . -20.47 6.70 17.48
O4 NAG J . -19.84 8.50 19.65
O5 NAG J . -19.50 10.65 16.74
O6 NAG J . -18.43 12.29 18.71
O7 NAG J . -20.15 7.06 13.53
C1 NAG K . -31.36 14.58 12.77
C2 NAG K . -31.17 13.60 13.92
C3 NAG K . -32.26 13.83 14.97
C4 NAG K . -32.39 15.31 15.35
C5 NAG K . -32.57 16.17 14.12
C6 NAG K . -32.47 17.65 14.51
C7 NAG K . -30.23 11.51 12.84
C8 NAG K . -30.69 10.21 12.21
N2 NAG K . -31.20 12.21 13.46
O3 NAG K . -31.98 13.08 16.13
O4 NAG K . -33.45 15.52 16.27
O5 NAG K . -31.54 15.92 13.19
O6 NAG K . -31.15 17.93 14.92
O7 NAG K . -29.05 11.82 12.75
C1 NAG L . -29.62 -14.31 0.83
C2 NAG L . -29.28 -15.23 2.00
C3 NAG L . -29.19 -16.67 1.52
C4 NAG L . -30.52 -17.06 0.90
C5 NAG L . -30.97 -16.07 -0.19
C6 NAG L . -32.40 -16.33 -0.66
C7 NAG L . -27.96 -14.71 4.00
C8 NAG L . -26.96 -13.71 4.51
N2 NAG L . -28.04 -14.86 2.67
O3 NAG L . -28.86 -17.55 2.57
O4 NAG L . -30.38 -18.35 0.36
O5 NAG L . -30.85 -14.71 0.26
O6 NAG L . -33.37 -15.62 0.08
O7 NAG L . -28.66 -15.34 4.78
S SO4 M . -1.05 4.93 24.98
O1 SO4 M . -0.35 3.70 24.60
O2 SO4 M . -0.06 5.96 25.29
O3 SO4 M . -1.88 5.36 23.86
O4 SO4 M . -1.90 4.65 26.14
S SO4 N . 6.91 4.12 10.74
O1 SO4 N . 8.21 3.53 10.39
O2 SO4 N . 5.91 3.60 9.82
O3 SO4 N . 6.56 3.74 12.11
O4 SO4 N . 6.96 5.60 10.67
S SO4 O . -25.13 -13.18 0.99
O1 SO4 O . -25.70 -14.29 0.21
O2 SO4 O . -24.04 -12.55 0.23
O3 SO4 O . -26.16 -12.17 1.26
O4 SO4 O . -24.61 -13.68 2.25
C1 NAG P . -19.55 -12.61 -27.07
C2 NAG P . -20.10 -11.25 -27.52
C3 NAG P . -21.00 -11.31 -28.77
C4 NAG P . -20.34 -12.15 -29.85
C5 NAG P . -20.12 -13.53 -29.26
C6 NAG P . -19.67 -14.53 -30.33
C7 NAG P . -20.38 -9.55 -25.80
C8 NAG P . -21.12 -9.13 -24.58
N2 NAG P . -20.84 -10.63 -26.44
O3 NAG P . -21.23 -10.01 -29.26
O4 NAG P . -21.16 -12.23 -31.00
O5 NAG P . -19.21 -13.46 -28.17
O6 NAG P . -18.26 -14.47 -30.54
O7 NAG P . -19.38 -8.92 -26.17
S SO4 Q . -24.88 -23.16 -30.82
O1 SO4 Q . -23.60 -23.85 -30.93
O2 SO4 Q . -25.87 -23.79 -31.69
O3 SO4 Q . -24.73 -21.75 -31.20
O4 SO4 Q . -25.40 -23.20 -29.44
#